data_8V28
#
_entry.id   8V28
#
_cell.length_a   1.00
_cell.length_b   1.00
_cell.length_c   1.00
_cell.angle_alpha   90.00
_cell.angle_beta   90.00
_cell.angle_gamma   90.00
#
_symmetry.space_group_name_H-M   'P 1'
#
loop_
_entity.id
_entity.type
_entity.pdbx_description
1 polymer 'Histone H3.2'
2 polymer 'Histone H4'
3 polymer 'Histone H2A'
4 polymer 'Histone H2B 1.1'
5 polymer '601 DNA (147-MER)'
6 polymer '601 DNA (147-MER)'
7 polymer Ubiquitin
#
loop_
_entity_poly.entity_id
_entity_poly.type
_entity_poly.pdbx_seq_one_letter_code
_entity_poly.pdbx_strand_id
1 'polypeptide(L)'
;MARTKQTARKSTGGKAPRKQLATKAARKSAPATGGVKKPHRYRPGTVALREIRRYQKSTELLIRKLPFQRLVREIAQDFK
TDLRFQSSAVMALQEASEAYLVALFEDTNLCAIHAKRVTIMPKDIQLARRIRGERA
;
A,E
2 'polypeptide(L)'
;MSGRGKGGKGLGKGGAKRHRKVLRDNIQGITKPAIRRLARRGGVKRISGLIYEETRGVLKVFLENVIRDAVTYTEHAKRK
TVTAMDVVYALKRQGRTLYGFGG
;
B,F
3 'polypeptide(L)'
;MSGRGKQGGKTRAKAKTRSSRAGLQFPVGRVHRLLRKGNYAERVGAGAPVYLAAVLEYLTAEILELAGNAARDNKKTRII
PRHLQLAVRNDEELNKLLGRVTIAQGGVLPNIQSVLLPKKTESSKSAKSK
;
C,G
4 'polypeptide(L)'
;MAKSAPAPKKGSKKAVTKTQKKDGKKRRKTRKESYAIYVYKVLKQVHPDTGISSKAMSIMNSFVNDVFERIAGEASRLAH
YNKRSTITSREIQTAVRLLLPGELAKHAVSEGTKAVTCYTSAK
;
D,H
5 'polydeoxyribonucleotide'
;(DA)(DT)(DC)(DG)(DA)(DG)(DA)(DA)(DT)(DC)(DC)(DC)(DG)(DG)(DT)(DG)(DC)(DC)(DG)(DA)
(DG)(DG)(DC)(DC)(DG)(DC)(DT)(DC)(DA)(DA)(DT)(DT)(DG)(DG)(DT)(DC)(DG)(DT)(DA)(DG)
(DA)(DC)(DA)(DG)(DC)(DT)(DC)(DT)(DA)(DG)(DC)(DA)(DC)(DC)(DG)(DC)(DT)(DT)(DA)(DA)
(DA)(DC)(DG)(DC)(DA)(DC)(DG)(DT)(DA)(DC)(DG)(DC)(DG)(DC)(DT)(DG)(DT)(DC)(DC)(DC)
(DC)(DC)(DG)(DC)(DG)(DT)(DT)(DT)(DT)(DA)(DA)(DC)(DC)(DG)(DC)(DC)(DA)(DA)(DG)(DG)
(DG)(DG)(DA)(DT)(DT)(DA)(DC)(DT)(DC)(DC)(DC)(DT)(DA)(DG)(DT)(DC)(DT)(DC)(DC)(DA)
(DG)(DG)(DC)(DA)(DC)(DG)(DT)(DG)(DT)(DC)(DA)(DG)(DA)(DT)(DA)(DT)(DA)(DT)(DA)(DC)
(DA)(DT)(DC)(DC)(DG)(DA)(DT)
;
I
6 'polydeoxyribonucleotide'
;(DA)(DT)(DC)(DG)(DG)(DA)(DT)(DG)(DT)(DA)(DT)(DA)(DT)(DA)(DT)(DC)(DT)(DG)(DA)(DC)
(DA)(DC)(DG)(DT)(DG)(DC)(DC)(DT)(DG)(DG)(DA)(DG)(DA)(DC)(DT)(DA)(DG)(DG)(DG)(DA)
(DG)(DT)(DA)(DA)(DT)(DC)(DC)(DC)(DC)(DT)(DT)(DG)(DG)(DC)(DG)(DG)(DT)(DT)(DA)(DA)
(DA)(DA)(DC)(DG)(DC)(DG)(DG)(DG)(DG)(DG)(DA)(DC)(DA)(DG)(DC)(DG)(DC)(DG)(DT)(DA)
(DC)(DG)(DT)(DG)(DC)(DG)(DT)(DT)(DT)(DA)(DA)(DG)(DC)(DG)(DG)(DT)(DG)(DC)(DT)(DA)
(DG)(DA)(DG)(DC)(DT)(DG)(DT)(DC)(DT)(DA)(DC)(DG)(DA)(DC)(DC)(DA)(DA)(DT)(DT)(DG)
(DA)(DG)(DC)(DG)(DG)(DC)(DC)(DT)(DC)(DG)(DG)(DC)(DA)(DC)(DC)(DG)(DG)(DG)(DA)(DT)
(DT)(DC)(DT)(DC)(DG)(DA)(DT)
;
J
7 'polypeptide(L)' GSHMMQIFVKTLTGKTITLEVEPSDTIENVKAKIQDKEGIPPDQQRLIFAGKQLEDGRTLSDYNIQKESTLHLVLRLRGC K
#
loop_
_chem_comp.id
_chem_comp.type
_chem_comp.name
_chem_comp.formula
DA DNA linking 2'-DEOXYADENOSINE-5'-MONOPHOSPHATE 'C10 H14 N5 O6 P'
DC DNA linking 2'-DEOXYCYTIDINE-5'-MONOPHOSPHATE 'C9 H14 N3 O7 P'
DG DNA linking 2'-DEOXYGUANOSINE-5'-MONOPHOSPHATE 'C10 H14 N5 O7 P'
DT DNA linking THYMIDINE-5'-MONOPHOSPHATE 'C10 H15 N2 O8 P'
#
# COMPACT_ATOMS: atom_id res chain seq x y z
N LYS A 38 -38.19 31.85 -36.32
CA LYS A 38 -38.81 30.90 -37.22
C LYS A 38 -38.09 29.54 -37.21
N PRO A 39 -36.76 29.51 -37.32
CA PRO A 39 -36.06 28.23 -37.23
C PRO A 39 -36.31 27.55 -35.89
N HIS A 40 -36.40 26.23 -35.92
CA HIS A 40 -36.67 25.45 -34.71
C HIS A 40 -35.38 25.30 -33.90
N ARG A 41 -35.40 25.79 -32.67
CA ARG A 41 -34.26 25.67 -31.76
C ARG A 41 -34.72 25.06 -30.45
N TYR A 42 -33.97 24.07 -29.97
CA TYR A 42 -34.30 23.43 -28.70
C TYR A 42 -33.90 24.33 -27.53
N ARG A 43 -34.58 24.13 -26.41
CA ARG A 43 -34.23 24.85 -25.19
C ARG A 43 -32.90 24.37 -24.63
N PRO A 44 -32.17 25.23 -23.93
CA PRO A 44 -30.85 24.83 -23.41
C PRO A 44 -30.94 23.75 -22.35
N GLY A 45 -30.41 22.57 -22.66
CA GLY A 45 -30.41 21.48 -21.70
C GLY A 45 -30.86 20.16 -22.28
N THR A 46 -31.74 20.21 -23.28
CA THR A 46 -32.28 18.99 -23.87
C THR A 46 -31.18 18.20 -24.59
N VAL A 47 -30.38 18.88 -25.40
CA VAL A 47 -29.32 18.19 -26.14
C VAL A 47 -28.31 17.59 -25.19
N ALA A 48 -28.03 18.25 -24.06
CA ALA A 48 -27.09 17.69 -23.10
C ALA A 48 -27.57 16.35 -22.57
N LEU A 49 -28.85 16.25 -22.22
CA LEU A 49 -29.39 14.98 -21.76
C LEU A 49 -29.38 13.94 -22.87
N ARG A 50 -29.67 14.35 -24.11
CA ARG A 50 -29.60 13.41 -25.22
C ARG A 50 -28.21 12.81 -25.35
N GLU A 51 -27.17 13.65 -25.31
CA GLU A 51 -25.81 13.14 -25.40
C GLU A 51 -25.46 12.29 -24.19
N ILE A 52 -25.96 12.65 -23.00
CA ILE A 52 -25.70 11.84 -21.81
C ILE A 52 -26.20 10.42 -22.03
N ARG A 53 -27.45 10.29 -22.48
CA ARG A 53 -28.01 8.96 -22.70
C ARG A 53 -27.24 8.21 -23.80
N ARG A 54 -26.95 8.91 -24.90
CA ARG A 54 -26.28 8.25 -26.03
C ARG A 54 -24.92 7.73 -25.64
N TYR A 55 -24.12 8.53 -24.92
CA TYR A 55 -22.78 8.10 -24.56
C TYR A 55 -22.75 7.20 -23.34
N GLN A 56 -23.84 7.13 -22.57
CA GLN A 56 -23.93 6.11 -21.53
C GLN A 56 -24.44 4.79 -22.06
N LYS A 57 -24.99 4.76 -23.28
CA LYS A 57 -25.45 3.50 -23.86
C LYS A 57 -24.36 2.74 -24.61
N SER A 58 -23.35 3.43 -25.15
CA SER A 58 -22.35 2.78 -25.98
C SER A 58 -21.07 2.51 -25.18
N THR A 59 -20.12 1.82 -25.83
CA THR A 59 -18.88 1.41 -25.18
C THR A 59 -17.61 1.74 -25.95
N GLU A 60 -17.70 2.43 -27.09
CA GLU A 60 -16.50 2.68 -27.87
C GLU A 60 -15.64 3.76 -27.22
N LEU A 61 -14.40 3.85 -27.67
CA LEU A 61 -13.47 4.85 -27.15
C LEU A 61 -13.84 6.24 -27.64
N LEU A 62 -13.42 7.24 -26.86
CA LEU A 62 -13.79 8.64 -27.12
C LEU A 62 -12.63 9.48 -27.63
N ILE A 63 -11.44 9.30 -27.08
CA ILE A 63 -10.28 10.07 -27.55
C ILE A 63 -9.76 9.48 -28.85
N ARG A 64 -9.25 10.35 -29.72
CA ARG A 64 -8.69 9.89 -30.98
C ARG A 64 -7.40 9.10 -30.73
N LYS A 65 -7.03 8.28 -31.71
CA LYS A 65 -5.92 7.35 -31.52
C LYS A 65 -4.56 8.02 -31.73
N LEU A 66 -4.36 8.63 -32.91
CA LEU A 66 -3.04 9.16 -33.26
C LEU A 66 -2.56 10.24 -32.30
N PRO A 67 -3.36 11.24 -31.92
CA PRO A 67 -2.85 12.23 -30.94
C PRO A 67 -2.47 11.59 -29.61
N PHE A 68 -3.22 10.59 -29.17
CA PHE A 68 -2.87 9.91 -27.92
C PHE A 68 -1.55 9.17 -28.06
N GLN A 69 -1.32 8.51 -29.19
CA GLN A 69 -0.06 7.82 -29.41
C GLN A 69 1.10 8.81 -29.41
N ARG A 70 0.92 9.96 -30.07
CA ARG A 70 1.97 10.97 -30.07
C ARG A 70 2.26 11.48 -28.67
N LEU A 71 1.21 11.72 -27.88
CA LEU A 71 1.41 12.16 -26.50
C LEU A 71 2.17 11.12 -25.69
N VAL A 72 1.83 9.84 -25.86
CA VAL A 72 2.51 8.79 -25.10
C VAL A 72 3.99 8.76 -25.47
N ARG A 73 4.29 8.83 -26.75
CA ARG A 73 5.70 8.80 -27.17
C ARG A 73 6.46 10.01 -26.65
N GLU A 74 5.85 11.20 -26.72
CA GLU A 74 6.52 12.40 -26.22
C GLU A 74 6.79 12.29 -24.72
N ILE A 75 5.83 11.77 -23.95
CA ILE A 75 6.05 11.62 -22.52
C ILE A 75 7.16 10.61 -22.25
N ALA A 76 7.15 9.48 -22.96
CA ALA A 76 8.16 8.45 -22.71
C ALA A 76 9.54 8.84 -23.21
N GLN A 77 9.64 9.85 -24.08
CA GLN A 77 10.95 10.27 -24.55
C GLN A 77 11.84 10.78 -23.43
N ASP A 78 11.24 11.28 -22.34
CA ASP A 78 12.01 11.89 -21.27
C ASP A 78 12.77 10.88 -20.42
N PHE A 79 12.44 9.60 -20.48
CA PHE A 79 13.08 8.59 -19.63
C PHE A 79 14.17 7.81 -20.36
N LYS A 80 13.96 7.45 -21.62
CA LYS A 80 14.96 6.70 -22.36
C LYS A 80 14.74 6.95 -23.85
N THR A 81 15.77 7.40 -24.54
CA THR A 81 15.66 7.69 -25.97
C THR A 81 15.69 6.40 -26.78
N ASP A 82 15.19 6.51 -28.02
CA ASP A 82 15.12 5.39 -28.97
C ASP A 82 14.38 4.20 -28.35
N LEU A 83 13.11 4.43 -28.06
CA LEU A 83 12.22 3.41 -27.53
C LEU A 83 11.19 3.02 -28.59
N ARG A 84 10.67 1.80 -28.46
CA ARG A 84 9.65 1.28 -29.37
C ARG A 84 8.51 0.69 -28.56
N PHE A 85 7.31 0.77 -29.12
CA PHE A 85 6.09 0.40 -28.42
C PHE A 85 5.33 -0.65 -29.22
N GLN A 86 4.63 -1.53 -28.49
CA GLN A 86 3.65 -2.42 -29.09
C GLN A 86 2.28 -1.77 -29.06
N SER A 87 1.47 -2.07 -30.08
CA SER A 87 0.17 -1.42 -30.20
C SER A 87 -0.74 -1.73 -29.02
N SER A 88 -0.70 -2.98 -28.54
CA SER A 88 -1.54 -3.35 -27.41
C SER A 88 -1.20 -2.54 -26.16
N ALA A 89 0.07 -2.17 -26.00
CA ALA A 89 0.43 -1.32 -24.86
C ALA A 89 -0.27 0.03 -24.93
N VAL A 90 -0.28 0.64 -26.11
CA VAL A 90 -0.96 1.92 -26.27
C VAL A 90 -2.46 1.77 -26.03
N MET A 91 -3.05 0.69 -26.53
CA MET A 91 -4.48 0.47 -26.29
C MET A 91 -4.78 0.33 -24.81
N ALA A 92 -3.95 -0.43 -24.08
CA ALA A 92 -4.17 -0.59 -22.65
C ALA A 92 -4.05 0.73 -21.91
N LEU A 93 -3.04 1.53 -22.28
CA LEU A 93 -2.89 2.84 -21.64
C LEU A 93 -4.11 3.72 -21.90
N GLN A 94 -4.62 3.71 -23.13
CA GLN A 94 -5.79 4.52 -23.44
C GLN A 94 -7.01 4.07 -22.63
N GLU A 95 -7.22 2.76 -22.52
CA GLU A 95 -8.36 2.26 -21.77
C GLU A 95 -8.28 2.68 -20.30
N ALA A 96 -7.10 2.50 -19.69
CA ALA A 96 -6.96 2.85 -18.28
C ALA A 96 -7.18 4.34 -18.06
N SER A 97 -6.60 5.18 -18.92
CA SER A 97 -6.75 6.62 -18.76
C SER A 97 -8.21 7.05 -18.91
N GLU A 98 -8.92 6.47 -19.88
CA GLU A 98 -10.32 6.82 -20.06
C GLU A 98 -11.15 6.46 -18.83
N ALA A 99 -10.94 5.25 -18.30
CA ALA A 99 -11.70 4.86 -17.12
C ALA A 99 -11.41 5.78 -15.93
N TYR A 100 -10.14 6.13 -15.74
CA TYR A 100 -9.78 7.01 -14.63
C TYR A 100 -10.46 8.37 -14.79
N LEU A 101 -10.44 8.93 -15.99
CA LEU A 101 -11.04 10.24 -16.20
C LEU A 101 -12.55 10.20 -15.97
N VAL A 102 -13.20 9.13 -16.41
CA VAL A 102 -14.65 9.03 -16.21
C VAL A 102 -14.99 8.99 -14.73
N ALA A 103 -14.26 8.18 -13.96
CA ALA A 103 -14.53 8.11 -12.52
C ALA A 103 -14.30 9.47 -11.85
N LEU A 104 -13.22 10.16 -12.24
CA LEU A 104 -12.95 11.47 -11.66
C LEU A 104 -14.06 12.45 -11.96
N PHE A 105 -14.58 12.42 -13.19
CA PHE A 105 -15.66 13.34 -13.55
C PHE A 105 -16.94 13.03 -12.78
N GLU A 106 -17.22 11.75 -12.53
CA GLU A 106 -18.38 11.39 -11.72
C GLU A 106 -18.26 11.98 -10.31
N ASP A 107 -17.08 11.80 -9.70
CA ASP A 107 -16.90 12.35 -8.35
C ASP A 107 -17.00 13.87 -8.34
N THR A 108 -16.46 14.53 -9.38
CA THR A 108 -16.55 15.98 -9.47
C THR A 108 -18.00 16.43 -9.59
N ASN A 109 -18.80 15.72 -10.38
CA ASN A 109 -20.21 16.08 -10.50
C ASN A 109 -20.93 15.95 -9.16
N LEU A 110 -20.62 14.89 -8.41
CA LEU A 110 -21.23 14.76 -7.09
C LEU A 110 -20.85 15.92 -6.18
N CYS A 111 -19.56 16.30 -6.18
CA CYS A 111 -19.13 17.42 -5.37
C CYS A 111 -19.84 18.71 -5.76
N ALA A 112 -19.99 18.94 -7.08
CA ALA A 112 -20.67 20.15 -7.54
C ALA A 112 -22.13 20.16 -7.12
N ILE A 113 -22.80 19.01 -7.21
CA ILE A 113 -24.21 18.95 -6.81
C ILE A 113 -24.36 19.22 -5.32
N HIS A 114 -23.40 18.77 -4.51
CA HIS A 114 -23.52 18.93 -3.06
C HIS A 114 -23.68 20.38 -2.63
N ALA A 115 -23.16 21.34 -3.40
CA ALA A 115 -23.13 22.74 -2.98
C ALA A 115 -24.16 23.60 -3.69
N LYS A 116 -25.30 23.00 -4.06
CA LYS A 116 -26.42 23.71 -4.69
C LYS A 116 -25.98 24.40 -5.98
N ARG A 117 -25.50 23.59 -6.92
CA ARG A 117 -25.05 24.08 -8.21
C ARG A 117 -25.29 23.01 -9.27
N VAL A 118 -25.26 23.43 -10.53
CA VAL A 118 -25.44 22.50 -11.64
C VAL A 118 -24.15 22.47 -12.46
N THR A 119 -23.42 23.59 -12.47
CA THR A 119 -22.19 23.70 -13.25
C THR A 119 -21.01 23.24 -12.42
N ILE A 120 -20.12 22.47 -13.03
CA ILE A 120 -18.91 22.02 -12.36
C ILE A 120 -17.81 23.06 -12.55
N MET A 121 -16.94 23.18 -11.56
CA MET A 121 -15.89 24.18 -11.53
C MET A 121 -14.61 23.54 -11.03
N PRO A 122 -13.45 24.14 -11.29
CA PRO A 122 -12.18 23.50 -10.92
C PRO A 122 -12.06 23.17 -9.44
N LYS A 123 -12.65 23.99 -8.55
CA LYS A 123 -12.54 23.70 -7.13
C LYS A 123 -13.19 22.36 -6.77
N ASP A 124 -14.21 21.96 -7.52
CA ASP A 124 -14.80 20.64 -7.31
C ASP A 124 -13.79 19.53 -7.60
N ILE A 125 -13.06 19.65 -8.71
CA ILE A 125 -12.04 18.66 -9.04
C ILE A 125 -10.97 18.64 -7.96
N GLN A 126 -10.55 19.82 -7.51
CA GLN A 126 -9.51 19.89 -6.48
C GLN A 126 -9.98 19.22 -5.19
N LEU A 127 -11.22 19.49 -4.79
CA LEU A 127 -11.74 18.89 -3.56
C LEU A 127 -11.83 17.37 -3.69
N ALA A 128 -12.30 16.88 -4.83
CA ALA A 128 -12.40 15.43 -5.01
C ALA A 128 -11.03 14.77 -4.96
N ARG A 129 -10.05 15.36 -5.64
CA ARG A 129 -8.70 14.80 -5.61
C ARG A 129 -8.11 14.85 -4.21
N ARG A 130 -8.34 15.94 -3.49
CA ARG A 130 -7.80 16.06 -2.14
C ARG A 130 -8.41 15.02 -1.20
N ILE A 131 -9.72 14.80 -1.28
CA ILE A 131 -10.35 13.84 -0.38
C ILE A 131 -9.96 12.41 -0.76
N ARG A 132 -9.82 12.14 -2.06
CA ARG A 132 -9.52 10.78 -2.50
C ARG A 132 -8.21 10.26 -1.91
N GLY A 133 -7.28 11.17 -1.58
CA GLY A 133 -6.03 10.76 -0.98
C GLY A 133 -4.85 10.88 -1.93
N GLU A 134 -4.89 11.90 -2.79
CA GLU A 134 -3.84 12.13 -3.78
C GLU A 134 -3.24 13.51 -3.59
N ARG A 135 -2.00 13.65 -4.04
CA ARG A 135 -1.28 14.92 -3.91
C ARG A 135 -0.96 15.50 -5.28
N LYS B 21 12.62 11.13 -34.05
CA LYS B 21 12.42 12.58 -34.15
C LYS B 21 11.80 13.13 -32.87
N VAL B 22 12.33 14.27 -32.41
CA VAL B 22 11.85 14.89 -31.19
C VAL B 22 10.53 15.61 -31.46
N LEU B 23 9.53 15.34 -30.62
CA LEU B 23 8.19 15.89 -30.79
C LEU B 23 7.83 16.82 -29.65
N ARG B 24 7.28 17.98 -30.01
CA ARG B 24 6.90 19.01 -29.04
C ARG B 24 5.40 19.29 -29.16
N ASP B 25 4.80 19.66 -28.02
CA ASP B 25 3.45 20.23 -27.96
C ASP B 25 2.45 19.24 -28.59
N ASN B 26 2.25 18.14 -27.87
CA ASN B 26 1.21 17.18 -28.21
C ASN B 26 0.12 17.10 -27.16
N ILE B 27 0.26 17.82 -26.05
CA ILE B 27 -0.77 17.82 -25.03
C ILE B 27 -2.03 18.52 -25.53
N GLN B 28 -1.87 19.47 -26.48
CA GLN B 28 -3.02 20.13 -27.06
C GLN B 28 -3.84 19.23 -27.97
N GLY B 29 -3.35 18.03 -28.29
CA GLY B 29 -4.11 17.11 -29.10
C GLY B 29 -5.38 16.62 -28.45
N ILE B 30 -5.47 16.73 -27.12
CA ILE B 30 -6.70 16.37 -26.40
C ILE B 30 -7.67 17.53 -26.54
N THR B 31 -8.51 17.48 -27.57
CA THR B 31 -9.35 18.61 -27.93
C THR B 31 -10.45 18.82 -26.89
N LYS B 32 -11.04 20.00 -26.93
CA LYS B 32 -12.16 20.31 -26.05
C LYS B 32 -13.36 19.39 -26.26
N PRO B 33 -13.80 19.10 -27.49
CA PRO B 33 -14.93 18.16 -27.64
C PRO B 33 -14.67 16.78 -27.06
N ALA B 34 -13.43 16.29 -27.07
CA ALA B 34 -13.16 14.98 -26.48
C ALA B 34 -13.39 15.00 -24.97
N ILE B 35 -12.91 16.06 -24.30
CA ILE B 35 -13.16 16.20 -22.87
C ILE B 35 -14.64 16.34 -22.61
N ARG B 36 -15.35 17.07 -23.48
CA ARG B 36 -16.79 17.19 -23.33
C ARG B 36 -17.50 15.85 -23.44
N ARG B 37 -17.05 15.01 -24.38
CA ARG B 37 -17.63 13.68 -24.52
C ARG B 37 -17.39 12.84 -23.27
N LEU B 38 -16.17 12.89 -22.73
CA LEU B 38 -15.88 12.16 -21.50
C LEU B 38 -16.78 12.64 -20.37
N ALA B 39 -16.94 13.95 -20.24
CA ALA B 39 -17.82 14.49 -19.19
C ALA B 39 -19.25 14.04 -19.39
N ARG B 40 -19.72 14.01 -20.64
CA ARG B 40 -21.08 13.56 -20.91
C ARG B 40 -21.28 12.11 -20.49
N ARG B 41 -20.31 11.25 -20.79
CA ARG B 41 -20.41 9.88 -20.31
C ARG B 41 -20.38 9.83 -18.79
N GLY B 42 -19.65 10.74 -18.15
CA GLY B 42 -19.62 10.78 -16.71
C GLY B 42 -20.89 11.26 -16.05
N GLY B 43 -21.78 11.91 -16.79
CA GLY B 43 -23.03 12.40 -16.24
C GLY B 43 -23.11 13.90 -15.99
N VAL B 44 -22.18 14.68 -16.53
CA VAL B 44 -22.18 16.12 -16.32
C VAL B 44 -23.15 16.78 -17.30
N LYS B 45 -23.82 17.83 -16.84
CA LYS B 45 -24.79 18.55 -17.65
C LYS B 45 -24.32 19.94 -18.08
N ARG B 46 -23.60 20.66 -17.23
CA ARG B 46 -23.06 21.98 -17.57
C ARG B 46 -21.59 22.03 -17.21
N ILE B 47 -20.79 22.62 -18.08
CA ILE B 47 -19.33 22.62 -17.95
C ILE B 47 -18.83 24.05 -17.98
N SER B 48 -17.96 24.39 -17.03
CA SER B 48 -17.34 25.71 -17.00
C SER B 48 -16.19 25.76 -18.00
N GLY B 49 -15.71 26.99 -18.25
CA GLY B 49 -14.69 27.21 -19.25
C GLY B 49 -13.26 26.98 -18.83
N LEU B 50 -13.01 26.66 -17.56
CA LEU B 50 -11.65 26.47 -17.06
C LEU B 50 -11.34 25.03 -16.72
N ILE B 51 -12.22 24.09 -17.07
CA ILE B 51 -12.03 22.69 -16.71
C ILE B 51 -10.90 22.06 -17.53
N TYR B 52 -10.77 22.45 -18.79
CA TYR B 52 -9.94 21.71 -19.74
C TYR B 52 -8.47 21.68 -19.33
N GLU B 53 -7.94 22.82 -18.90
CA GLU B 53 -6.53 22.86 -18.49
C GLU B 53 -6.28 21.95 -17.29
N GLU B 54 -7.18 21.97 -16.31
CA GLU B 54 -7.03 21.11 -15.15
C GLU B 54 -7.07 19.64 -15.54
N THR B 55 -7.99 19.29 -16.44
CA THR B 55 -8.06 17.90 -16.90
C THR B 55 -6.77 17.50 -17.61
N ARG B 56 -6.23 18.39 -18.44
CA ARG B 56 -4.99 18.09 -19.13
C ARG B 56 -3.85 17.85 -18.15
N GLY B 57 -3.73 18.69 -17.13
CA GLY B 57 -2.69 18.50 -16.14
C GLY B 57 -2.82 17.18 -15.39
N VAL B 58 -4.05 16.84 -14.99
CA VAL B 58 -4.27 15.59 -14.26
C VAL B 58 -3.88 14.40 -15.11
N LEU B 59 -4.32 14.41 -16.38
CA LEU B 59 -4.01 13.29 -17.27
C LEU B 59 -2.51 13.18 -17.50
N LYS B 60 -1.83 14.32 -17.63
CA LYS B 60 -0.38 14.28 -17.83
C LYS B 60 0.32 13.65 -16.62
N VAL B 61 -0.10 14.00 -15.41
CA VAL B 61 0.52 13.43 -14.22
C VAL B 61 0.31 11.90 -14.19
N PHE B 62 -0.92 11.48 -14.46
CA PHE B 62 -1.22 10.04 -14.43
C PHE B 62 -0.38 9.28 -15.44
N LEU B 63 -0.31 9.77 -16.67
CA LEU B 63 0.48 9.11 -17.70
C LEU B 63 1.96 9.09 -17.32
N GLU B 64 2.45 10.19 -16.73
CA GLU B 64 3.85 10.23 -16.31
C GLU B 64 4.16 9.09 -15.35
N ASN B 65 3.34 8.92 -14.32
CA ASN B 65 3.60 7.87 -13.34
C ASN B 65 3.58 6.49 -13.99
N VAL B 66 2.53 6.19 -14.77
CA VAL B 66 2.40 4.85 -15.32
C VAL B 66 3.54 4.55 -16.29
N ILE B 67 3.88 5.52 -17.14
CA ILE B 67 4.93 5.32 -18.13
C ILE B 67 6.29 5.12 -17.45
N ARG B 68 6.55 5.88 -16.38
CA ARG B 68 7.80 5.67 -15.65
C ARG B 68 7.90 4.26 -15.12
N ASP B 69 6.83 3.76 -14.50
CA ASP B 69 6.88 2.40 -13.96
C ASP B 69 7.10 1.37 -15.05
N ALA B 70 6.38 1.51 -16.16
CA ALA B 70 6.52 0.54 -17.26
C ALA B 70 7.92 0.56 -17.84
N VAL B 71 8.51 1.75 -17.99
CA VAL B 71 9.84 1.86 -18.55
C VAL B 71 10.86 1.21 -17.63
N THR B 72 10.71 1.40 -16.31
CA THR B 72 11.61 0.70 -15.39
C THR B 72 11.48 -0.81 -15.56
N TYR B 73 10.25 -1.32 -15.64
CA TYR B 73 10.04 -2.75 -15.78
C TYR B 73 10.71 -3.29 -17.04
N THR B 74 10.58 -2.58 -18.16
CA THR B 74 11.17 -3.07 -19.41
C THR B 74 12.68 -2.90 -19.41
N GLU B 75 13.20 -1.92 -18.65
CA GLU B 75 14.64 -1.79 -18.51
C GLU B 75 15.24 -2.98 -17.77
N HIS B 76 14.56 -3.47 -16.73
CA HIS B 76 15.16 -4.56 -15.95
C HIS B 76 15.40 -5.81 -16.81
N ALA B 77 14.60 -6.02 -17.85
CA ALA B 77 14.69 -7.24 -18.65
C ALA B 77 15.68 -7.12 -19.81
N LYS B 78 16.44 -6.03 -19.88
CA LYS B 78 17.43 -5.83 -20.94
C LYS B 78 16.81 -5.87 -22.33
N ARG B 79 15.61 -5.29 -22.45
CA ARG B 79 14.92 -5.19 -23.73
C ARG B 79 14.86 -3.73 -24.16
N LYS B 80 14.40 -3.51 -25.38
CA LYS B 80 14.24 -2.17 -25.92
C LYS B 80 12.83 -1.86 -26.39
N THR B 81 11.89 -2.78 -26.24
CA THR B 81 10.53 -2.61 -26.71
C THR B 81 9.57 -2.81 -25.54
N VAL B 82 8.72 -1.82 -25.28
CA VAL B 82 7.72 -1.95 -24.23
C VAL B 82 6.60 -2.85 -24.71
N THR B 83 6.27 -3.86 -23.91
CA THR B 83 5.20 -4.79 -24.22
C THR B 83 4.00 -4.53 -23.35
N ALA B 84 2.87 -5.17 -23.70
CA ALA B 84 1.63 -4.97 -22.95
C ALA B 84 1.74 -5.50 -21.53
N MET B 85 2.54 -6.55 -21.33
CA MET B 85 2.67 -7.13 -19.99
C MET B 85 3.29 -6.15 -19.01
N ASP B 86 4.25 -5.36 -19.47
CA ASP B 86 4.86 -4.35 -18.60
C ASP B 86 3.82 -3.32 -18.17
N VAL B 87 2.97 -2.88 -19.10
CA VAL B 87 1.92 -1.93 -18.75
C VAL B 87 0.96 -2.54 -17.75
N VAL B 88 0.59 -3.81 -17.96
CA VAL B 88 -0.34 -4.46 -17.04
C VAL B 88 0.26 -4.56 -15.64
N TYR B 89 1.53 -4.95 -15.55
CA TYR B 89 2.18 -5.05 -14.25
C TYR B 89 2.28 -3.69 -13.57
N ALA B 90 2.65 -2.66 -14.33
CA ALA B 90 2.75 -1.32 -13.76
C ALA B 90 1.40 -0.84 -13.25
N LEU B 91 0.34 -1.08 -14.01
CA LEU B 91 -0.99 -0.69 -13.56
C LEU B 91 -1.40 -1.45 -12.31
N LYS B 92 -1.09 -2.75 -12.25
CA LYS B 92 -1.47 -3.53 -11.09
C LYS B 92 -0.73 -3.04 -9.84
N ARG B 93 0.54 -2.64 -9.99
CA ARG B 93 1.32 -2.25 -8.83
C ARG B 93 0.73 -1.05 -8.11
N GLN B 94 -0.10 -0.26 -8.78
CA GLN B 94 -0.76 0.89 -8.16
C GLN B 94 -2.18 0.58 -7.71
N GLY B 95 -2.57 -0.69 -7.71
CA GLY B 95 -3.90 -1.08 -7.28
C GLY B 95 -5.02 -0.61 -8.17
N ARG B 96 -4.81 -0.62 -9.49
CA ARG B 96 -5.86 -0.36 -10.47
C ARG B 96 -5.77 -1.37 -11.60
N THR B 97 -5.67 -2.65 -11.24
CA THR B 97 -5.46 -3.74 -12.18
C THR B 97 -6.45 -3.74 -13.33
N LEU B 98 -6.04 -4.30 -14.47
CA LEU B 98 -6.81 -4.26 -15.71
C LEU B 98 -6.96 -5.66 -16.27
N TYR B 99 -8.19 -5.98 -16.70
CA TYR B 99 -8.49 -7.33 -17.23
C TYR B 99 -8.73 -7.29 -18.73
N GLY B 100 -8.27 -8.32 -19.44
CA GLY B 100 -8.51 -8.45 -20.85
C GLY B 100 -7.31 -8.30 -21.75
N PHE B 101 -6.10 -8.23 -21.19
CA PHE B 101 -4.90 -8.09 -22.01
C PHE B 101 -3.81 -9.08 -21.65
N GLY B 102 -4.15 -10.19 -21.01
CA GLY B 102 -3.16 -11.19 -20.69
C GLY B 102 -2.72 -11.10 -19.25
N GLY B 103 -2.33 -12.25 -18.70
CA GLY B 103 -1.88 -12.32 -17.32
C GLY B 103 -3.02 -12.42 -16.32
N LYS C 10 47.55 -26.04 9.18
CA LYS C 10 46.11 -26.19 9.39
C LYS C 10 45.63 -25.41 10.61
N THR C 11 45.91 -24.10 10.60
CA THR C 11 45.48 -23.20 11.67
C THR C 11 44.41 -22.29 11.08
N ARG C 12 43.20 -22.37 11.63
CA ARG C 12 42.11 -21.54 11.14
C ARG C 12 42.37 -20.07 11.46
N ALA C 13 42.06 -19.20 10.50
CA ALA C 13 42.24 -17.78 10.69
C ALA C 13 41.20 -17.23 11.66
N LYS C 14 41.49 -16.05 12.22
CA LYS C 14 40.56 -15.42 13.14
C LYS C 14 39.30 -14.99 12.40
N ALA C 15 38.15 -15.20 13.04
CA ALA C 15 36.87 -14.93 12.40
C ALA C 15 36.64 -13.43 12.27
N LYS C 16 36.06 -13.04 11.13
CA LYS C 16 35.66 -11.66 10.87
C LYS C 16 34.22 -11.67 10.38
N THR C 17 33.38 -10.88 11.04
CA THR C 17 31.98 -10.80 10.63
C THR C 17 31.87 -10.19 9.24
N ARG C 18 30.88 -10.67 8.47
CA ARG C 18 30.71 -10.18 7.12
C ARG C 18 30.33 -8.70 7.08
N SER C 19 29.63 -8.22 8.11
CA SER C 19 29.32 -6.81 8.19
C SER C 19 30.58 -5.96 8.30
N SER C 20 31.65 -6.51 8.89
CA SER C 20 32.88 -5.75 9.06
C SER C 20 33.56 -5.48 7.72
N ARG C 21 33.51 -6.45 6.80
CA ARG C 21 34.16 -6.26 5.51
C ARG C 21 33.48 -5.17 4.69
N ALA C 22 32.16 -5.08 4.78
CA ALA C 22 31.40 -4.09 4.04
C ALA C 22 31.34 -2.74 4.73
N GLY C 23 31.87 -2.62 5.94
CA GLY C 23 31.82 -1.36 6.66
C GLY C 23 30.41 -0.93 7.01
N LEU C 24 29.59 -1.86 7.47
CA LEU C 24 28.20 -1.60 7.82
C LEU C 24 27.99 -1.74 9.33
N GLN C 25 26.75 -1.59 9.74
CA GLN C 25 26.35 -1.77 11.13
C GLN C 25 25.27 -2.84 11.30
N PHE C 26 24.41 -3.02 10.30
CA PHE C 26 23.38 -4.05 10.37
C PHE C 26 23.97 -5.42 10.08
N PRO C 27 23.36 -6.48 10.61
CA PRO C 27 23.96 -7.82 10.48
C PRO C 27 23.69 -8.41 9.10
N VAL C 28 24.76 -8.72 8.37
CA VAL C 28 24.61 -9.33 7.05
C VAL C 28 24.13 -10.77 7.18
N GLY C 29 24.68 -11.52 8.14
CA GLY C 29 24.33 -12.92 8.26
C GLY C 29 22.87 -13.14 8.62
N ARG C 30 22.34 -12.32 9.53
CA ARG C 30 20.93 -12.47 9.90
C ARG C 30 20.02 -12.19 8.71
N VAL C 31 20.33 -11.15 7.93
CA VAL C 31 19.53 -10.85 6.75
C VAL C 31 19.62 -11.99 5.75
N HIS C 32 20.82 -12.56 5.58
CA HIS C 32 20.98 -13.70 4.66
C HIS C 32 20.13 -14.88 5.10
N ARG C 33 20.14 -15.18 6.41
CA ARG C 33 19.33 -16.30 6.90
C ARG C 33 17.84 -16.03 6.71
N LEU C 34 17.40 -14.81 6.99
CA LEU C 34 15.98 -14.49 6.84
C LEU C 34 15.56 -14.58 5.38
N LEU C 35 16.43 -14.15 4.46
CA LEU C 35 16.12 -14.28 3.05
C LEU C 35 16.04 -15.74 2.63
N ARG C 36 16.96 -16.57 3.12
CA ARG C 36 16.97 -17.98 2.74
C ARG C 36 15.74 -18.71 3.29
N LYS C 37 15.34 -18.40 4.51
CA LYS C 37 14.25 -19.11 5.16
C LYS C 37 12.89 -18.47 4.94
N GLY C 38 12.82 -17.37 4.19
CA GLY C 38 11.58 -16.64 4.00
C GLY C 38 10.72 -17.08 2.85
N ASN C 39 11.12 -18.11 2.10
CA ASN C 39 10.36 -18.63 0.96
C ASN C 39 10.13 -17.54 -0.08
N TYR C 40 11.23 -16.93 -0.52
CA TYR C 40 11.19 -15.90 -1.56
C TYR C 40 11.65 -16.40 -2.91
N ALA C 41 12.65 -17.28 -2.94
CA ALA C 41 13.14 -17.87 -4.18
C ALA C 41 13.91 -19.14 -3.84
N GLU C 42 14.27 -19.89 -4.88
CA GLU C 42 14.96 -21.15 -4.66
C GLU C 42 16.36 -20.93 -4.08
N ARG C 43 17.13 -20.03 -4.69
CA ARG C 43 18.49 -19.77 -4.24
C ARG C 43 18.70 -18.26 -4.15
N VAL C 44 19.62 -17.86 -3.27
CA VAL C 44 19.88 -16.46 -2.98
C VAL C 44 21.36 -16.18 -3.24
N GLY C 45 21.63 -15.13 -4.01
CA GLY C 45 22.99 -14.78 -4.33
C GLY C 45 23.75 -14.25 -3.12
N ALA C 46 25.03 -13.97 -3.34
CA ALA C 46 25.92 -13.57 -2.28
C ALA C 46 26.02 -12.06 -2.11
N GLY C 47 25.24 -11.28 -2.85
CA GLY C 47 25.34 -9.85 -2.78
C GLY C 47 24.09 -9.15 -2.30
N ALA C 48 22.96 -9.85 -2.32
CA ALA C 48 21.70 -9.25 -1.89
C ALA C 48 21.71 -8.80 -0.43
N PRO C 49 22.19 -9.59 0.53
CA PRO C 49 22.17 -9.12 1.93
C PRO C 49 22.93 -7.82 2.15
N VAL C 50 24.04 -7.62 1.45
CA VAL C 50 24.81 -6.38 1.62
C VAL C 50 23.97 -5.18 1.18
N TYR C 51 23.34 -5.29 0.01
CA TYR C 51 22.49 -4.22 -0.49
C TYR C 51 21.35 -3.93 0.45
N LEU C 52 20.67 -4.98 0.92
CA LEU C 52 19.52 -4.78 1.81
C LEU C 52 19.95 -4.13 3.12
N ALA C 53 21.07 -4.58 3.69
CA ALA C 53 21.55 -4.00 4.94
C ALA C 53 21.90 -2.52 4.75
N ALA C 54 22.56 -2.18 3.64
CA ALA C 54 22.91 -0.78 3.41
C ALA C 54 21.65 0.09 3.30
N VAL C 55 20.65 -0.40 2.57
CA VAL C 55 19.42 0.38 2.39
C VAL C 55 18.72 0.60 3.73
N LEU C 56 18.59 -0.47 4.52
CA LEU C 56 17.92 -0.35 5.81
C LEU C 56 18.68 0.61 6.72
N GLU C 57 20.01 0.52 6.73
CA GLU C 57 20.81 1.41 7.56
C GLU C 57 20.61 2.86 7.16
N TYR C 58 20.59 3.15 5.86
CA TYR C 58 20.41 4.52 5.41
C TYR C 58 19.06 5.07 5.85
N LEU C 59 17.99 4.28 5.66
CA LEU C 59 16.67 4.76 6.06
C LEU C 59 16.59 5.01 7.56
N THR C 60 17.14 4.08 8.35
CA THR C 60 17.12 4.26 9.80
C THR C 60 17.88 5.51 10.21
N ALA C 61 19.04 5.75 9.59
CA ALA C 61 19.82 6.94 9.94
C ALA C 61 19.05 8.21 9.63
N GLU C 62 18.38 8.26 8.47
CA GLU C 62 17.61 9.46 8.14
C GLU C 62 16.50 9.72 9.15
N ILE C 63 15.70 8.68 9.46
CA ILE C 63 14.60 8.84 10.40
C ILE C 63 15.13 9.31 11.76
N LEU C 64 16.19 8.66 12.24
CA LEU C 64 16.70 8.99 13.56
C LEU C 64 17.27 10.40 13.61
N GLU C 65 17.94 10.84 12.54
CA GLU C 65 18.46 12.20 12.52
C GLU C 65 17.33 13.21 12.63
N LEU C 66 16.28 13.05 11.83
CA LEU C 66 15.18 14.01 11.89
C LEU C 66 14.51 13.99 13.26
N ALA C 67 14.29 12.79 13.83
CA ALA C 67 13.66 12.71 15.14
C ALA C 67 14.51 13.35 16.21
N GLY C 68 15.83 13.16 16.15
CA GLY C 68 16.71 13.78 17.13
C GLY C 68 16.70 15.30 17.05
N ASN C 69 16.68 15.83 15.82
CA ASN C 69 16.56 17.28 15.68
C ASN C 69 15.27 17.78 16.32
N ALA C 70 14.15 17.10 16.02
CA ALA C 70 12.87 17.52 16.57
C ALA C 70 12.88 17.46 18.09
N ALA C 71 13.47 16.41 18.67
CA ALA C 71 13.54 16.30 20.12
C ALA C 71 14.40 17.40 20.73
N ARG C 72 15.55 17.69 20.11
CA ARG C 72 16.41 18.76 20.60
C ARG C 72 15.71 20.10 20.55
N ASP C 73 14.78 20.28 19.60
CA ASP C 73 14.05 21.54 19.52
C ASP C 73 13.26 21.78 20.80
N ASN C 74 12.62 20.73 21.34
CA ASN C 74 11.73 20.86 22.50
C ASN C 74 12.48 20.72 23.83
N LYS C 75 13.80 20.84 23.83
CA LYS C 75 14.61 20.80 25.05
C LYS C 75 14.40 19.50 25.82
N LYS C 76 14.60 18.39 25.12
CA LYS C 76 14.52 17.06 25.71
C LYS C 76 15.70 16.23 25.25
N THR C 77 16.12 15.30 26.10
CA THR C 77 17.26 14.43 25.81
C THR C 77 16.85 13.00 25.47
N ARG C 78 15.56 12.75 25.28
CA ARG C 78 15.09 11.43 24.89
C ARG C 78 14.08 11.57 23.76
N ILE C 79 13.92 10.49 23.00
CA ILE C 79 13.01 10.46 21.87
C ILE C 79 11.75 9.70 22.28
N ILE C 80 10.59 10.34 22.06
CA ILE C 80 9.30 9.73 22.35
C ILE C 80 8.50 9.69 21.06
N PRO C 81 7.44 8.88 21.00
CA PRO C 81 6.72 8.72 19.72
C PRO C 81 6.22 10.02 19.12
N ARG C 82 5.92 11.04 19.93
CA ARG C 82 5.50 12.32 19.37
C ARG C 82 6.60 12.92 18.49
N HIS C 83 7.85 12.82 18.94
CA HIS C 83 8.95 13.34 18.14
C HIS C 83 9.07 12.61 16.81
N LEU C 84 8.90 11.29 16.82
CA LEU C 84 8.94 10.52 15.58
C LEU C 84 7.81 10.94 14.64
N GLN C 85 6.61 11.13 15.18
CA GLN C 85 5.49 11.56 14.35
C GLN C 85 5.76 12.94 13.74
N LEU C 86 6.26 13.87 14.55
CA LEU C 86 6.55 15.21 14.04
C LEU C 86 7.63 15.17 12.97
N ALA C 87 8.65 14.32 13.15
CA ALA C 87 9.69 14.19 12.13
C ALA C 87 9.14 13.62 10.84
N VAL C 88 8.29 12.59 10.93
CA VAL C 88 7.81 11.93 9.73
C VAL C 88 6.84 12.82 8.96
N ARG C 89 5.89 13.44 9.66
CA ARG C 89 4.81 14.15 8.96
C ARG C 89 5.28 15.42 8.28
N ASN C 90 6.41 15.99 8.67
CA ASN C 90 6.86 17.27 8.14
C ASN C 90 7.77 17.15 6.93
N ASP C 91 8.16 15.94 6.55
CA ASP C 91 8.96 15.72 5.35
C ASP C 91 8.06 15.06 4.32
N GLU C 92 7.95 15.69 3.14
CA GLU C 92 7.02 15.21 2.12
C GLU C 92 7.42 13.82 1.63
N GLU C 93 8.72 13.56 1.48
CA GLU C 93 9.17 12.26 0.99
C GLU C 93 8.78 11.14 1.95
N LEU C 94 9.15 11.30 3.23
CA LEU C 94 8.84 10.28 4.22
C LEU C 94 7.33 10.16 4.44
N ASN C 95 6.62 11.29 4.41
CA ASN C 95 5.17 11.24 4.52
C ASN C 95 4.55 10.45 3.38
N LYS C 96 5.10 10.60 2.18
CA LYS C 96 4.62 9.81 1.05
C LYS C 96 4.96 8.34 1.22
N LEU C 97 6.10 8.04 1.86
CA LEU C 97 6.45 6.64 2.07
C LEU C 97 5.49 5.95 3.03
N LEU C 98 5.25 6.55 4.19
CA LEU C 98 4.34 5.98 5.19
C LEU C 98 2.96 6.62 5.09
N GLY C 99 2.35 6.49 3.91
CA GLY C 99 1.06 7.10 3.67
C GLY C 99 -0.06 6.49 4.48
N ARG C 100 -0.10 5.16 4.56
CA ARG C 100 -1.21 4.44 5.18
C ARG C 100 -0.79 3.76 6.48
N VAL C 101 0.04 4.43 7.28
CA VAL C 101 0.54 3.89 8.53
C VAL C 101 0.18 4.86 9.65
N THR C 102 -0.40 4.34 10.73
CA THR C 102 -0.69 5.13 11.92
C THR C 102 0.29 4.75 13.02
N ILE C 103 0.83 5.76 13.70
CA ILE C 103 1.79 5.56 14.78
C ILE C 103 1.07 5.76 16.10
N ALA C 104 1.24 4.81 17.02
CA ALA C 104 0.59 4.90 18.32
C ALA C 104 1.14 6.08 19.11
N GLN C 105 0.24 6.74 19.84
CA GLN C 105 0.60 7.87 20.71
C GLN C 105 1.27 8.99 19.91
N GLY C 106 0.79 9.21 18.68
CA GLY C 106 1.43 10.17 17.81
C GLY C 106 0.88 11.57 17.87
N GLY C 107 -0.44 11.72 17.69
CA GLY C 107 -1.03 13.03 17.63
C GLY C 107 -1.14 13.55 16.21
N VAL C 108 -1.41 14.86 16.10
CA VAL C 108 -1.64 15.50 14.82
C VAL C 108 -0.82 16.78 14.74
N LEU C 109 -0.69 17.29 13.52
CA LEU C 109 0.03 18.53 13.26
C LEU C 109 -0.84 19.73 13.66
N PRO C 110 -0.25 20.76 14.26
CA PRO C 110 -1.04 21.91 14.70
C PRO C 110 -1.43 22.86 13.58
N ASN C 111 -2.53 22.59 12.87
CA ASN C 111 -3.03 23.48 11.84
C ASN C 111 -4.50 23.79 12.07
N ILE C 112 -4.92 24.98 11.64
CA ILE C 112 -6.29 25.45 11.73
C ILE C 112 -6.66 26.11 10.41
N GLN C 113 -7.88 25.87 9.94
CA GLN C 113 -8.34 26.50 8.72
C GLN C 113 -8.40 28.01 8.88
N SER C 114 -8.07 28.72 7.80
CA SER C 114 -7.91 30.17 7.88
C SER C 114 -9.24 30.87 8.15
N VAL C 115 -10.32 30.42 7.50
CA VAL C 115 -11.60 31.13 7.58
C VAL C 115 -12.16 31.11 9.00
N LEU C 116 -11.92 30.04 9.75
CA LEU C 116 -12.47 29.92 11.09
C LEU C 116 -11.90 30.94 12.07
N LEU C 117 -10.81 31.61 11.72
CA LEU C 117 -10.20 32.58 12.61
C LEU C 117 -11.13 33.78 12.82
N PRO C 118 -11.06 34.41 14.00
CA PRO C 118 -11.96 35.55 14.26
C PRO C 118 -11.70 36.71 13.31
N LYS C 119 -12.77 37.40 12.94
CA LYS C 119 -12.66 38.57 12.09
C LYS C 119 -12.22 39.76 12.94
N LYS C 120 -11.34 40.57 12.36
CA LYS C 120 -10.71 41.71 13.05
C LYS C 120 -9.93 41.23 14.26
N ARG D 27 13.76 -22.23 35.42
CA ARG D 27 13.09 -21.28 34.53
C ARG D 27 13.70 -21.31 33.13
N ARG D 28 12.85 -21.47 32.13
CA ARG D 28 13.26 -21.52 30.72
C ARG D 28 12.57 -20.40 29.96
N LYS D 29 13.37 -19.58 29.27
CA LYS D 29 12.85 -18.46 28.50
C LYS D 29 13.34 -18.57 27.07
N THR D 30 12.41 -18.43 26.12
CA THR D 30 12.76 -18.45 24.70
C THR D 30 13.38 -17.13 24.29
N ARG D 31 14.37 -17.21 23.39
CA ARG D 31 15.07 -16.02 22.93
C ARG D 31 14.27 -15.30 21.86
N LYS D 32 14.14 -14.00 22.00
CA LYS D 32 13.47 -13.16 21.02
C LYS D 32 14.49 -12.27 20.34
N GLU D 33 14.36 -12.12 19.02
CA GLU D 33 15.30 -11.35 18.22
C GLU D 33 14.73 -9.98 17.90
N SER D 34 15.61 -8.99 17.78
CA SER D 34 15.18 -7.62 17.49
C SER D 34 16.36 -6.86 16.90
N TYR D 35 16.04 -5.71 16.28
CA TYR D 35 17.04 -4.81 15.74
C TYR D 35 17.42 -3.71 16.71
N ALA D 36 17.26 -3.93 18.01
CA ALA D 36 17.44 -2.87 18.99
C ALA D 36 18.89 -2.38 19.05
N ILE D 37 19.83 -3.32 19.11
CA ILE D 37 21.24 -2.94 19.28
C ILE D 37 21.74 -2.15 18.08
N TYR D 38 21.39 -2.58 16.87
CA TYR D 38 21.84 -1.88 15.68
C TYR D 38 21.21 -0.49 15.57
N VAL D 39 19.94 -0.37 15.93
CA VAL D 39 19.30 0.94 15.95
C VAL D 39 20.00 1.86 16.94
N TYR D 40 20.36 1.34 18.11
CA TYR D 40 21.06 2.16 19.10
C TYR D 40 22.44 2.56 18.59
N LYS D 41 23.14 1.65 17.91
CA LYS D 41 24.44 1.98 17.36
C LYS D 41 24.32 3.11 16.34
N VAL D 42 23.33 3.03 15.45
CA VAL D 42 23.14 4.09 14.47
C VAL D 42 22.81 5.41 15.15
N LEU D 43 21.94 5.37 16.15
CA LEU D 43 21.57 6.59 16.86
C LEU D 43 22.78 7.24 17.53
N LYS D 44 23.61 6.44 18.19
CA LYS D 44 24.81 7.01 18.80
C LYS D 44 25.82 7.48 17.76
N GLN D 45 25.76 6.93 16.54
CA GLN D 45 26.64 7.44 15.50
C GLN D 45 26.16 8.79 14.98
N VAL D 46 24.85 8.99 14.88
CA VAL D 46 24.33 10.24 14.32
C VAL D 46 24.30 11.35 15.38
N HIS D 47 23.67 11.13 16.52
CA HIS D 47 23.60 12.11 17.60
C HIS D 47 24.37 11.58 18.79
N PRO D 48 25.54 12.15 19.12
CA PRO D 48 26.38 11.56 20.17
C PRO D 48 25.71 11.49 21.54
N ASP D 49 24.84 12.43 21.88
CA ASP D 49 24.23 12.49 23.21
C ASP D 49 22.72 12.63 23.07
N THR D 50 22.02 11.50 22.99
CA THR D 50 20.57 11.47 22.92
C THR D 50 20.09 10.05 23.21
N GLY D 51 19.15 9.93 24.14
CA GLY D 51 18.60 8.64 24.52
C GLY D 51 17.36 8.29 23.72
N ILE D 52 16.73 7.18 24.13
CA ILE D 52 15.55 6.69 23.45
C ILE D 52 14.77 5.81 24.42
N SER D 53 13.44 5.87 24.35
CA SER D 53 12.59 5.09 25.21
C SER D 53 12.23 3.76 24.54
N SER D 54 11.51 2.90 25.26
CA SER D 54 11.21 1.58 24.74
C SER D 54 10.18 1.61 23.62
N LYS D 55 9.17 2.48 23.74
CA LYS D 55 8.14 2.57 22.70
C LYS D 55 8.74 2.97 21.37
N ALA D 56 9.66 3.93 21.38
CA ALA D 56 10.32 4.32 20.13
C ALA D 56 11.11 3.17 19.53
N MET D 57 11.78 2.39 20.38
CA MET D 57 12.52 1.23 19.88
C MET D 57 11.59 0.22 19.23
N SER D 58 10.44 -0.04 19.86
CA SER D 58 9.47 -0.95 19.26
C SER D 58 8.97 -0.44 17.92
N ILE D 59 8.70 0.87 17.83
CA ILE D 59 8.22 1.44 16.59
C ILE D 59 9.26 1.30 15.49
N MET D 60 10.53 1.56 15.82
CA MET D 60 11.59 1.43 14.83
C MET D 60 11.76 -0.02 14.38
N ASN D 61 11.64 -0.97 15.33
CA ASN D 61 11.70 -2.37 14.95
C ASN D 61 10.60 -2.73 13.95
N SER D 62 9.38 -2.27 14.22
CA SER D 62 8.29 -2.53 13.30
C SER D 62 8.54 -1.91 11.94
N PHE D 63 9.08 -0.69 11.92
CA PHE D 63 9.37 -0.02 10.65
C PHE D 63 10.38 -0.80 9.83
N VAL D 64 11.46 -1.26 10.49
CA VAL D 64 12.48 -2.02 9.78
C VAL D 64 11.89 -3.30 9.21
N ASN D 65 11.09 -4.02 10.02
CA ASN D 65 10.49 -5.26 9.53
C ASN D 65 9.59 -5.00 8.32
N ASP D 66 8.80 -3.93 8.38
CA ASP D 66 7.88 -3.62 7.28
C ASP D 66 8.64 -3.35 5.99
N VAL D 67 9.68 -2.51 6.07
CA VAL D 67 10.43 -2.19 4.85
C VAL D 67 11.11 -3.43 4.29
N PHE D 68 11.71 -4.24 5.18
CA PHE D 68 12.34 -5.48 4.74
C PHE D 68 11.36 -6.36 3.99
N GLU D 69 10.17 -6.55 4.56
CA GLU D 69 9.18 -7.43 3.93
C GLU D 69 8.77 -6.90 2.57
N ARG D 70 8.52 -5.59 2.47
CA ARG D 70 8.09 -5.03 1.19
C ARG D 70 9.14 -5.23 0.12
N ILE D 71 10.39 -4.90 0.43
CA ILE D 71 11.45 -5.02 -0.57
C ILE D 71 11.64 -6.48 -0.98
N ALA D 72 11.65 -7.39 -0.01
CA ALA D 72 11.88 -8.80 -0.32
C ALA D 72 10.76 -9.35 -1.21
N GLY D 73 9.51 -9.03 -0.89
CA GLY D 73 8.41 -9.51 -1.70
C GLY D 73 8.46 -8.98 -3.13
N GLU D 74 8.78 -7.69 -3.28
CA GLU D 74 8.89 -7.12 -4.62
C GLU D 74 9.99 -7.82 -5.40
N ALA D 75 11.13 -8.06 -4.76
CA ALA D 75 12.23 -8.74 -5.46
C ALA D 75 11.84 -10.14 -5.87
N SER D 76 11.14 -10.87 -5.00
CA SER D 76 10.70 -12.22 -5.34
C SER D 76 9.78 -12.22 -6.56
N ARG D 77 8.79 -11.32 -6.56
CA ARG D 77 7.87 -11.26 -7.71
C ARG D 77 8.61 -10.89 -8.98
N LEU D 78 9.54 -9.94 -8.90
CA LEU D 78 10.29 -9.51 -10.07
C LEU D 78 11.14 -10.64 -10.63
N ALA D 79 11.77 -11.43 -9.76
CA ALA D 79 12.51 -12.59 -10.22
C ALA D 79 11.59 -13.61 -10.88
N HIS D 80 10.40 -13.82 -10.31
CA HIS D 80 9.49 -14.80 -10.87
C HIS D 80 8.95 -14.38 -12.23
N TYR D 81 8.82 -13.08 -12.49
CA TYR D 81 8.29 -12.62 -13.77
C TYR D 81 9.20 -13.04 -14.92
N ASN D 82 10.52 -12.93 -14.75
CA ASN D 82 11.48 -13.21 -15.81
C ASN D 82 11.94 -14.66 -15.81
N LYS D 83 11.14 -15.57 -15.27
CA LYS D 83 11.43 -17.01 -15.19
C LYS D 83 12.91 -17.29 -14.86
N ARG D 84 13.32 -16.81 -13.70
CA ARG D 84 14.62 -17.13 -13.15
C ARG D 84 14.44 -17.74 -11.76
N SER D 85 15.52 -18.29 -11.22
CA SER D 85 15.45 -19.00 -9.94
C SER D 85 16.39 -18.43 -8.89
N THR D 86 17.00 -17.27 -9.13
CA THR D 86 17.98 -16.70 -8.22
C THR D 86 17.65 -15.24 -7.96
N ILE D 87 17.92 -14.79 -6.74
CA ILE D 87 17.78 -13.39 -6.35
C ILE D 87 19.19 -12.83 -6.18
N THR D 88 19.52 -11.82 -6.98
CA THR D 88 20.83 -11.19 -6.95
C THR D 88 20.66 -9.71 -6.60
N SER D 89 21.78 -8.97 -6.69
CA SER D 89 21.75 -7.56 -6.34
C SER D 89 20.94 -6.75 -7.35
N ARG D 90 20.86 -7.21 -8.60
CA ARG D 90 20.10 -6.46 -9.60
C ARG D 90 18.62 -6.41 -9.27
N GLU D 91 18.06 -7.54 -8.81
CA GLU D 91 16.65 -7.54 -8.40
C GLU D 91 16.42 -6.59 -7.24
N ILE D 92 17.33 -6.58 -6.27
CA ILE D 92 17.19 -5.66 -5.14
C ILE D 92 17.22 -4.22 -5.61
N GLN D 93 18.14 -3.90 -6.52
CA GLN D 93 18.26 -2.54 -7.02
C GLN D 93 16.99 -2.11 -7.74
N THR D 94 16.46 -2.97 -8.61
CA THR D 94 15.25 -2.61 -9.34
C THR D 94 14.06 -2.48 -8.40
N ALA D 95 13.95 -3.36 -7.40
CA ALA D 95 12.85 -3.24 -6.45
C ALA D 95 12.94 -1.95 -5.65
N VAL D 96 14.16 -1.57 -5.23
CA VAL D 96 14.34 -0.33 -4.49
C VAL D 96 13.96 0.87 -5.36
N ARG D 97 14.38 0.85 -6.62
CA ARG D 97 14.01 1.93 -7.53
C ARG D 97 12.50 1.98 -7.76
N LEU D 98 11.84 0.83 -7.72
CA LEU D 98 10.39 0.80 -7.91
C LEU D 98 9.63 1.33 -6.70
N LEU D 99 10.08 1.00 -5.48
CA LEU D 99 9.30 1.34 -4.30
C LEU D 99 9.54 2.77 -3.82
N LEU D 100 10.79 3.12 -3.55
CA LEU D 100 11.10 4.43 -2.99
C LEU D 100 10.94 5.53 -4.03
N PRO D 101 10.51 6.72 -3.61
CA PRO D 101 10.44 7.84 -4.55
C PRO D 101 11.81 8.39 -4.91
N GLY D 102 11.85 9.45 -5.72
CA GLY D 102 13.06 9.88 -6.42
C GLY D 102 14.33 10.05 -5.61
N GLU D 103 14.36 11.05 -4.72
CA GLU D 103 15.60 11.38 -4.04
C GLU D 103 16.05 10.26 -3.12
N LEU D 104 15.11 9.66 -2.39
CA LEU D 104 15.43 8.52 -1.54
C LEU D 104 15.96 7.36 -2.37
N ALA D 105 15.36 7.11 -3.53
CA ALA D 105 15.84 6.05 -4.39
C ALA D 105 17.27 6.31 -4.84
N LYS D 106 17.58 7.55 -5.25
CA LYS D 106 18.93 7.86 -5.69
C LYS D 106 19.94 7.63 -4.57
N HIS D 107 19.66 8.14 -3.38
CA HIS D 107 20.62 8.01 -2.29
C HIS D 107 20.78 6.55 -1.87
N ALA D 108 19.68 5.80 -1.80
CA ALA D 108 19.77 4.40 -1.43
C ALA D 108 20.55 3.60 -2.46
N VAL D 109 20.34 3.88 -3.74
CA VAL D 109 21.08 3.19 -4.79
C VAL D 109 22.57 3.46 -4.65
N SER D 110 22.94 4.72 -4.42
CA SER D 110 24.36 5.05 -4.26
C SER D 110 24.96 4.31 -3.07
N GLU D 111 24.25 4.31 -1.94
CA GLU D 111 24.77 3.65 -0.74
C GLU D 111 24.94 2.15 -0.96
N GLY D 112 23.94 1.51 -1.57
CA GLY D 112 24.04 0.08 -1.81
C GLY D 112 25.17 -0.27 -2.75
N THR D 113 25.34 0.50 -3.83
CA THR D 113 26.44 0.25 -4.75
C THR D 113 27.78 0.38 -4.05
N LYS D 114 27.94 1.43 -3.24
CA LYS D 114 29.21 1.62 -2.53
C LYS D 114 29.48 0.46 -1.58
N ALA D 115 28.46 0.02 -0.84
CA ALA D 115 28.66 -1.08 0.10
C ALA D 115 29.04 -2.37 -0.62
N VAL D 116 28.36 -2.68 -1.73
CA VAL D 116 28.66 -3.91 -2.45
C VAL D 116 30.08 -3.87 -3.01
N THR D 117 30.47 -2.72 -3.57
CA THR D 117 31.83 -2.60 -4.10
C THR D 117 32.88 -2.77 -3.00
N CYS D 118 32.64 -2.15 -1.84
CA CYS D 118 33.59 -2.30 -0.74
C CYS D 118 33.70 -3.74 -0.28
N TYR D 119 32.56 -4.45 -0.20
CA TYR D 119 32.61 -5.85 0.21
C TYR D 119 33.34 -6.71 -0.81
N THR D 120 33.13 -6.44 -2.10
CA THR D 120 33.78 -7.26 -3.13
C THR D 120 35.28 -7.02 -3.17
N SER D 121 35.71 -5.76 -3.13
CA SER D 121 37.13 -5.45 -3.26
C SER D 121 37.94 -6.08 -2.13
N ALA D 122 37.44 -5.97 -0.91
CA ALA D 122 38.08 -6.63 0.22
C ALA D 122 37.75 -8.12 0.21
N LYS D 123 38.53 -8.90 0.94
CA LYS D 123 38.34 -10.34 1.01
C LYS D 123 38.99 -10.93 2.26
N LYS E 38 -21.77 42.60 37.00
CA LYS E 38 -22.06 41.77 35.84
C LYS E 38 -21.01 40.67 35.68
N PRO E 39 -21.46 39.43 35.57
CA PRO E 39 -20.54 38.33 35.33
C PRO E 39 -19.82 38.49 34.00
N HIS E 40 -18.58 38.02 33.95
CA HIS E 40 -17.75 38.15 32.77
C HIS E 40 -17.93 36.92 31.87
N ARG E 41 -18.42 37.13 30.66
CA ARG E 41 -18.68 36.06 29.71
C ARG E 41 -17.92 36.32 28.42
N TYR E 42 -17.43 35.24 27.81
CA TYR E 42 -16.76 35.32 26.53
C TYR E 42 -17.78 35.21 25.40
N ARG E 43 -17.41 35.73 24.24
CA ARG E 43 -18.28 35.61 23.08
C ARG E 43 -18.27 34.18 22.56
N PRO E 44 -19.36 33.72 21.95
CA PRO E 44 -19.39 32.34 21.44
C PRO E 44 -18.35 32.11 20.35
N GLY E 45 -17.45 31.16 20.61
CA GLY E 45 -16.44 30.80 19.65
C GLY E 45 -15.02 30.80 20.19
N THR E 46 -14.75 31.66 21.17
CA THR E 46 -13.40 31.76 21.72
C THR E 46 -13.01 30.47 22.43
N VAL E 47 -13.91 29.95 23.27
CA VAL E 47 -13.61 28.73 24.00
C VAL E 47 -13.43 27.56 23.04
N ALA E 48 -14.13 27.57 21.91
CA ALA E 48 -13.95 26.50 20.92
C ALA E 48 -12.53 26.51 20.37
N LEU E 49 -12.00 27.69 20.03
CA LEU E 49 -10.63 27.77 19.54
C LEU E 49 -9.63 27.37 20.62
N ARG E 50 -9.88 27.80 21.86
CA ARG E 50 -9.00 27.41 22.95
C ARG E 50 -8.97 25.89 23.12
N GLU E 51 -10.14 25.26 23.06
CA GLU E 51 -10.21 23.81 23.16
C GLU E 51 -9.51 23.14 21.98
N ILE E 52 -9.65 23.70 20.79
CA ILE E 52 -8.96 23.15 19.63
C ILE E 52 -7.46 23.13 19.87
N ARG E 53 -6.91 24.26 20.28
CA ARG E 53 -5.47 24.33 20.52
C ARG E 53 -5.05 23.36 21.61
N ARG E 54 -5.78 23.35 22.73
CA ARG E 54 -5.37 22.53 23.86
C ARG E 54 -5.40 21.05 23.51
N TYR E 55 -6.49 20.57 22.91
CA TYR E 55 -6.63 19.15 22.64
C TYR E 55 -5.82 18.69 21.44
N GLN E 56 -5.46 19.59 20.54
CA GLN E 56 -4.65 19.21 19.39
C GLN E 56 -3.16 19.39 19.65
N LYS E 57 -2.79 20.04 20.74
CA LYS E 57 -1.39 20.09 21.16
C LYS E 57 -0.93 18.78 21.80
N SER E 58 -1.82 18.11 22.54
CA SER E 58 -1.44 16.96 23.35
C SER E 58 -1.60 15.66 22.57
N THR E 59 -1.32 14.53 23.24
CA THR E 59 -1.31 13.24 22.57
C THR E 59 -1.91 12.13 23.44
N GLU E 60 -2.91 12.45 24.26
CA GLU E 60 -3.58 11.45 25.09
C GLU E 60 -4.78 10.85 24.38
N LEU E 61 -5.38 9.85 25.02
CA LEU E 61 -6.65 9.32 24.54
C LEU E 61 -7.81 10.18 25.02
N LEU E 62 -8.96 10.00 24.39
CA LEU E 62 -10.10 10.87 24.63
C LEU E 62 -11.36 10.17 25.08
N ILE E 63 -11.40 8.84 25.09
CA ILE E 63 -12.59 8.08 25.46
C ILE E 63 -12.28 7.26 26.71
N ARG E 64 -13.26 7.16 27.60
CA ARG E 64 -13.09 6.41 28.83
C ARG E 64 -12.85 4.93 28.53
N LYS E 65 -11.95 4.32 29.29
CA LYS E 65 -11.50 2.97 28.96
C LYS E 65 -12.58 1.92 29.22
N LEU E 66 -13.24 2.00 30.38
CA LEU E 66 -14.20 0.96 30.74
C LEU E 66 -15.38 0.86 29.79
N PRO E 67 -16.07 1.95 29.41
CA PRO E 67 -17.16 1.80 28.43
C PRO E 67 -16.69 1.23 27.11
N PHE E 68 -15.51 1.62 26.64
CA PHE E 68 -15.01 1.08 25.38
C PHE E 68 -14.73 -0.42 25.50
N GLN E 69 -14.14 -0.85 26.61
CA GLN E 69 -13.88 -2.27 26.80
C GLN E 69 -15.19 -3.06 26.83
N ARG E 70 -16.18 -2.54 27.54
CA ARG E 70 -17.47 -3.23 27.59
C ARG E 70 -18.12 -3.31 26.22
N LEU E 71 -18.04 -2.23 25.44
CA LEU E 71 -18.61 -2.24 24.10
C LEU E 71 -17.90 -3.26 23.20
N VAL E 72 -16.57 -3.33 23.31
CA VAL E 72 -15.82 -4.32 22.52
C VAL E 72 -16.27 -5.73 22.89
N ARG E 73 -16.42 -5.99 24.20
CA ARG E 73 -16.84 -7.32 24.62
C ARG E 73 -18.24 -7.65 24.10
N GLU E 74 -19.17 -6.69 24.17
CA GLU E 74 -20.52 -6.94 23.68
C GLU E 74 -20.51 -7.22 22.18
N ILE E 75 -19.73 -6.45 21.41
CA ILE E 75 -19.70 -6.66 19.96
C ILE E 75 -19.12 -8.03 19.65
N ALA E 76 -18.04 -8.42 20.33
CA ALA E 76 -17.40 -9.70 20.03
C ALA E 76 -18.18 -10.89 20.56
N GLN E 77 -19.12 -10.67 21.48
CA GLN E 77 -19.88 -11.78 22.04
C GLN E 77 -20.69 -12.52 20.97
N ASP E 78 -21.19 -11.79 19.97
CA ASP E 78 -22.03 -12.41 18.95
C ASP E 78 -21.28 -13.46 18.13
N PHE E 79 -20.05 -13.18 17.72
CA PHE E 79 -19.31 -14.08 16.85
C PHE E 79 -18.90 -15.38 17.51
N LYS E 80 -18.62 -15.37 18.81
CA LYS E 80 -18.17 -16.57 19.50
C LYS E 80 -18.37 -16.37 21.00
N THR E 81 -18.90 -17.40 21.66
CA THR E 81 -19.22 -17.31 23.07
C THR E 81 -18.01 -17.69 23.93
N ASP E 82 -17.96 -17.10 25.12
CA ASP E 82 -16.92 -17.38 26.11
C ASP E 82 -15.53 -17.08 25.55
N LEU E 83 -15.31 -15.81 25.23
CA LEU E 83 -14.02 -15.34 24.76
C LEU E 83 -13.28 -14.63 25.88
N ARG E 84 -11.97 -14.45 25.66
CA ARG E 84 -11.13 -13.72 26.59
C ARG E 84 -10.22 -12.79 25.81
N PHE E 85 -9.78 -11.72 26.46
CA PHE E 85 -9.05 -10.65 25.80
C PHE E 85 -7.78 -10.31 26.56
N GLN E 86 -6.71 -10.04 25.82
CA GLN E 86 -5.53 -9.40 26.39
C GLN E 86 -5.71 -7.89 26.38
N SER E 87 -5.16 -7.23 27.39
CA SER E 87 -5.35 -5.79 27.53
C SER E 87 -4.77 -5.03 26.35
N SER E 88 -3.60 -5.47 25.85
CA SER E 88 -2.96 -4.78 24.74
C SER E 88 -3.82 -4.82 23.48
N ALA E 89 -4.60 -5.89 23.29
CA ALA E 89 -5.51 -5.93 22.15
C ALA E 89 -6.56 -4.83 22.25
N VAL E 90 -7.13 -4.63 23.44
CA VAL E 90 -8.12 -3.57 23.63
C VAL E 90 -7.47 -2.21 23.40
N MET E 91 -6.25 -2.02 23.89
CA MET E 91 -5.56 -0.75 23.66
C MET E 91 -5.35 -0.49 22.17
N ALA E 92 -4.94 -1.51 21.43
CA ALA E 92 -4.73 -1.34 19.99
C ALA E 92 -6.03 -0.98 19.28
N LEU E 93 -7.13 -1.65 19.66
CA LEU E 93 -8.42 -1.34 19.04
C LEU E 93 -8.82 0.11 19.32
N GLN E 94 -8.62 0.56 20.56
CA GLN E 94 -8.96 1.94 20.91
C GLN E 94 -8.16 2.93 20.09
N GLU E 95 -6.85 2.69 19.96
CA GLU E 95 -6.01 3.61 19.20
C GLU E 95 -6.44 3.69 17.75
N ALA E 96 -6.69 2.53 17.12
CA ALA E 96 -7.09 2.53 15.72
C ALA E 96 -8.41 3.26 15.53
N SER E 97 -9.39 3.01 16.42
CA SER E 97 -10.68 3.67 16.28
C SER E 97 -10.57 5.18 16.41
N GLU E 98 -9.78 5.65 17.38
CA GLU E 98 -9.62 7.08 17.55
C GLU E 98 -8.97 7.72 16.33
N ALA E 99 -7.94 7.09 15.79
CA ALA E 99 -7.29 7.64 14.60
C ALA E 99 -8.26 7.73 13.43
N TYR E 100 -9.05 6.67 13.22
CA TYR E 100 -10.01 6.67 12.12
C TYR E 100 -11.03 7.79 12.29
N LEU E 101 -11.56 7.96 13.49
CA LEU E 101 -12.56 8.99 13.72
C LEU E 101 -12.00 10.38 13.51
N VAL E 102 -10.76 10.62 13.95
CA VAL E 102 -10.17 11.95 13.79
C VAL E 102 -9.98 12.27 12.30
N ALA E 103 -9.49 11.31 11.53
CA ALA E 103 -9.32 11.55 10.10
C ALA E 103 -10.65 11.82 9.42
N LEU E 104 -11.69 11.05 9.78
CA LEU E 104 -13.00 11.27 9.19
C LEU E 104 -13.52 12.66 9.53
N PHE E 105 -13.30 13.12 10.76
CA PHE E 105 -13.76 14.45 11.13
C PHE E 105 -13.04 15.53 10.34
N GLU E 106 -11.73 15.36 10.10
CA GLU E 106 -11.01 16.33 9.29
C GLU E 106 -11.61 16.43 7.89
N ASP E 107 -11.84 15.28 7.26
CA ASP E 107 -12.42 15.29 5.91
C ASP E 107 -13.81 15.93 5.92
N THR E 108 -14.60 15.63 6.95
CA THR E 108 -15.94 16.22 7.05
C THR E 108 -15.87 17.73 7.19
N ASN E 109 -14.91 18.24 7.96
CA ASN E 109 -14.78 19.68 8.12
C ASN E 109 -14.44 20.33 6.79
N LEU E 110 -13.54 19.71 6.00
CA LEU E 110 -13.24 20.25 4.68
C LEU E 110 -14.50 20.28 3.80
N CYS E 111 -15.27 19.18 3.81
CA CYS E 111 -16.48 19.13 3.01
C CYS E 111 -17.47 20.22 3.43
N ALA E 112 -17.61 20.44 4.74
CA ALA E 112 -18.50 21.48 5.22
C ALA E 112 -18.05 22.85 4.76
N ILE E 113 -16.74 23.12 4.82
CA ILE E 113 -16.24 24.43 4.46
C ILE E 113 -16.44 24.70 2.97
N HIS E 114 -16.32 23.65 2.14
CA HIS E 114 -16.48 23.85 0.70
C HIS E 114 -17.83 24.45 0.34
N ALA E 115 -18.87 24.16 1.11
CA ALA E 115 -20.23 24.60 0.78
C ALA E 115 -20.62 25.90 1.46
N LYS E 116 -19.65 26.73 1.83
CA LYS E 116 -19.91 28.05 2.40
C LYS E 116 -20.69 27.95 3.71
N ARG E 117 -20.18 27.17 4.65
CA ARG E 117 -20.78 27.02 5.97
C ARG E 117 -19.69 26.92 7.03
N VAL E 118 -20.12 26.85 8.28
CA VAL E 118 -19.20 26.64 9.40
C VAL E 118 -19.57 25.43 10.23
N THR E 119 -20.81 24.98 10.22
CA THR E 119 -21.27 23.89 11.08
C THR E 119 -21.39 22.61 10.27
N ILE E 120 -20.82 21.53 10.79
CA ILE E 120 -20.86 20.24 10.10
C ILE E 120 -22.24 19.62 10.26
N MET E 121 -22.65 18.86 9.25
CA MET E 121 -23.97 18.26 9.20
C MET E 121 -23.83 16.81 8.73
N PRO E 122 -24.83 15.97 9.01
CA PRO E 122 -24.71 14.55 8.61
C PRO E 122 -24.50 14.34 7.12
N LYS E 123 -25.10 15.18 6.28
CA LYS E 123 -24.90 15.02 4.84
C LYS E 123 -23.43 15.17 4.46
N ASP E 124 -22.68 15.96 5.22
CA ASP E 124 -21.25 16.10 4.97
C ASP E 124 -20.53 14.78 5.24
N ILE E 125 -20.87 14.11 6.35
CA ILE E 125 -20.30 12.81 6.64
C ILE E 125 -20.64 11.82 5.54
N GLN E 126 -21.90 11.84 5.08
CA GLN E 126 -22.30 10.92 4.03
C GLN E 126 -21.53 11.16 2.74
N LEU E 127 -21.35 12.43 2.36
CA LEU E 127 -20.61 12.73 1.14
C LEU E 127 -19.15 12.31 1.26
N ALA E 128 -18.53 12.58 2.40
CA ALA E 128 -17.13 12.17 2.58
C ALA E 128 -16.98 10.65 2.51
N ARG E 129 -17.88 9.92 3.17
CA ARG E 129 -17.81 8.47 3.13
C ARG E 129 -18.06 7.93 1.73
N ARG E 130 -18.98 8.55 0.98
CA ARG E 130 -19.25 8.11 -0.38
C ARG E 130 -18.04 8.34 -1.29
N ILE E 131 -17.41 9.51 -1.17
CA ILE E 131 -16.26 9.81 -2.03
C ILE E 131 -15.08 8.92 -1.67
N ARG E 132 -14.89 8.64 -0.38
CA ARG E 132 -13.75 7.82 0.05
C ARG E 132 -13.83 6.40 -0.49
N GLY E 133 -14.99 5.98 -0.98
CA GLY E 133 -15.16 4.63 -1.48
C GLY E 133 -15.54 3.60 -0.45
N GLU E 134 -15.77 4.01 0.80
CA GLU E 134 -16.16 3.06 1.84
C GLU E 134 -17.63 2.65 1.68
N ARG E 135 -18.53 3.62 1.76
CA ARG E 135 -19.95 3.34 1.57
C ARG E 135 -20.23 2.97 0.11
N ALA E 136 -21.03 1.94 -0.09
CA ALA E 136 -21.39 1.50 -1.43
C ALA E 136 -22.25 2.55 -2.13
N ARG F 24 -28.54 -4.71 26.67
CA ARG F 24 -27.15 -4.23 26.65
C ARG F 24 -26.98 -3.11 25.62
N ASP F 25 -27.40 -1.91 26.01
CA ASP F 25 -27.28 -0.72 25.16
C ASP F 25 -25.95 0.02 25.34
N ASN F 26 -24.88 -0.77 25.32
CA ASN F 26 -23.57 -0.25 25.68
C ASN F 26 -23.01 0.75 24.67
N ILE F 27 -23.62 0.88 23.50
CA ILE F 27 -23.21 1.90 22.54
C ILE F 27 -23.41 3.30 23.12
N GLN F 28 -24.31 3.44 24.10
CA GLN F 28 -24.55 4.73 24.72
C GLN F 28 -23.40 5.19 25.60
N GLY F 29 -22.41 4.31 25.85
CA GLY F 29 -21.26 4.70 26.65
C GLY F 29 -20.37 5.72 25.98
N ILE F 30 -20.46 5.86 24.66
CA ILE F 30 -19.71 6.89 23.95
C ILE F 30 -20.46 8.21 24.12
N THR F 31 -20.13 8.95 25.17
CA THR F 31 -20.89 10.11 25.55
C THR F 31 -20.71 11.24 24.54
N LYS F 32 -21.64 12.19 24.57
CA LYS F 32 -21.55 13.35 23.69
C LYS F 32 -20.27 14.17 23.91
N PRO F 33 -19.82 14.45 25.15
CA PRO F 33 -18.54 15.16 25.30
C PRO F 33 -17.36 14.44 24.67
N ALA F 34 -17.35 13.11 24.65
CA ALA F 34 -16.24 12.40 24.01
C ALA F 34 -16.20 12.67 22.51
N ILE F 35 -17.36 12.60 21.85
CA ILE F 35 -17.42 12.91 20.42
C ILE F 35 -17.03 14.36 20.20
N ARG F 36 -17.45 15.25 21.10
CA ARG F 36 -17.08 16.65 20.99
C ARG F 36 -15.57 16.84 21.08
N ARG F 37 -14.92 16.13 22.00
CA ARG F 37 -13.47 16.21 22.12
C ARG F 37 -12.78 15.69 20.87
N LEU F 38 -13.25 14.57 20.32
CA LEU F 38 -12.66 14.05 19.10
C LEU F 38 -12.79 15.05 17.95
N ALA F 39 -13.98 15.63 17.80
CA ALA F 39 -14.18 16.62 16.75
C ALA F 39 -13.30 17.85 16.96
N ARG F 40 -13.15 18.27 18.20
CA ARG F 40 -12.32 19.43 18.49
C ARG F 40 -10.85 19.16 18.14
N ARG F 41 -10.36 17.96 18.44
CA ARG F 41 -9.02 17.61 18.00
C ARG F 41 -8.93 17.58 16.48
N GLY F 42 -9.97 17.09 15.80
CA GLY F 42 -9.98 17.10 14.36
C GLY F 42 -9.93 18.49 13.75
N GLY F 43 -10.49 19.48 14.41
CA GLY F 43 -10.49 20.85 13.93
C GLY F 43 -11.84 21.47 13.65
N VAL F 44 -12.90 20.96 14.24
CA VAL F 44 -14.26 21.46 14.01
C VAL F 44 -14.58 22.54 15.04
N LYS F 45 -15.26 23.60 14.60
CA LYS F 45 -15.61 24.71 15.47
C LYS F 45 -17.07 24.73 15.88
N ARG F 46 -17.98 24.35 14.99
CA ARG F 46 -19.40 24.28 15.29
C ARG F 46 -19.93 22.91 14.92
N ILE F 47 -20.75 22.33 15.79
CA ILE F 47 -21.26 20.97 15.61
C ILE F 47 -22.78 21.01 15.67
N SER F 48 -23.42 20.34 14.72
CA SER F 48 -24.87 20.24 14.70
C SER F 48 -25.34 19.20 15.72
N GLY F 49 -26.65 19.15 15.95
CA GLY F 49 -27.21 18.30 16.97
C GLY F 49 -27.51 16.87 16.59
N LEU F 50 -27.15 16.45 15.38
CA LEU F 50 -27.45 15.10 14.92
C LEU F 50 -26.20 14.33 14.49
N ILE F 51 -25.01 14.83 14.83
CA ILE F 51 -23.77 14.16 14.44
C ILE F 51 -23.59 12.86 15.22
N TYR F 52 -24.08 12.83 16.47
CA TYR F 52 -23.72 11.75 17.38
C TYR F 52 -24.21 10.39 16.89
N GLU F 53 -25.43 10.33 16.37
CA GLU F 53 -25.95 9.06 15.88
C GLU F 53 -25.12 8.52 14.71
N GLU F 54 -24.76 9.40 13.77
CA GLU F 54 -23.95 8.99 12.64
C GLU F 54 -22.59 8.49 13.11
N THR F 55 -21.97 9.21 14.05
CA THR F 55 -20.66 8.79 14.56
C THR F 55 -20.75 7.43 15.23
N ARG F 56 -21.80 7.21 16.03
CA ARG F 56 -21.95 5.93 16.71
C ARG F 56 -22.12 4.79 15.71
N GLY F 57 -22.94 5.01 14.68
CA GLY F 57 -23.11 3.97 13.67
C GLY F 57 -21.82 3.64 12.94
N VAL F 58 -21.06 4.67 12.57
CA VAL F 58 -19.81 4.45 11.85
C VAL F 58 -18.82 3.67 12.71
N LEU F 59 -18.69 4.08 13.98
CA LEU F 59 -17.78 3.37 14.88
C LEU F 59 -18.19 1.93 15.07
N LYS F 60 -19.51 1.68 15.20
CA LYS F 60 -19.98 0.31 15.34
C LYS F 60 -19.60 -0.54 14.14
N VAL F 61 -19.80 0.00 12.93
CA VAL F 61 -19.48 -0.78 11.73
C VAL F 61 -18.00 -1.13 11.68
N PHE F 62 -17.15 -0.12 11.94
CA PHE F 62 -15.70 -0.34 11.89
C PHE F 62 -15.28 -1.41 12.90
N LEU F 63 -15.80 -1.31 14.13
CA LEU F 63 -15.45 -2.28 15.16
C LEU F 63 -15.92 -3.68 14.78
N GLU F 64 -17.12 -3.81 14.23
CA GLU F 64 -17.61 -5.12 13.83
C GLU F 64 -16.69 -5.77 12.82
N ASN F 65 -16.29 -5.02 11.79
CA ASN F 65 -15.43 -5.60 10.77
C ASN F 65 -14.10 -6.07 11.37
N VAL F 66 -13.44 -5.20 12.14
CA VAL F 66 -12.13 -5.55 12.67
C VAL F 66 -12.22 -6.74 13.61
N ILE F 67 -13.23 -6.75 14.48
CA ILE F 67 -13.36 -7.82 15.46
C ILE F 67 -13.67 -9.15 14.77
N ARG F 68 -14.49 -9.11 13.71
CA ARG F 68 -14.77 -10.34 12.97
C ARG F 68 -13.49 -10.94 12.41
N ASP F 69 -12.65 -10.10 11.79
CA ASP F 69 -11.40 -10.63 11.23
C ASP F 69 -10.50 -11.19 12.33
N ALA F 70 -10.37 -10.48 13.45
CA ALA F 70 -9.50 -10.94 14.52
C ALA F 70 -10.00 -12.27 15.11
N VAL F 71 -11.31 -12.41 15.27
CA VAL F 71 -11.87 -13.64 15.82
C VAL F 71 -11.65 -14.80 14.86
N THR F 72 -11.76 -14.54 13.55
CA THR F 72 -11.45 -15.60 12.59
C THR F 72 -10.01 -16.06 12.73
N TYR F 73 -9.07 -15.11 12.85
CA TYR F 73 -7.67 -15.48 13.04
C TYR F 73 -7.49 -16.32 14.29
N THR F 74 -8.09 -15.89 15.40
CA THR F 74 -7.93 -16.62 16.66
C THR F 74 -8.52 -18.02 16.56
N GLU F 75 -9.67 -18.17 15.91
CA GLU F 75 -10.29 -19.47 15.75
C GLU F 75 -9.39 -20.40 14.95
N HIS F 76 -8.80 -19.90 13.86
CA HIS F 76 -7.87 -20.73 13.09
C HIS F 76 -6.67 -21.13 13.94
N ALA F 77 -6.19 -20.21 14.79
CA ALA F 77 -5.05 -20.53 15.65
C ALA F 77 -5.38 -21.57 16.71
N LYS F 78 -6.66 -21.92 16.88
CA LYS F 78 -7.11 -22.92 17.85
C LYS F 78 -6.74 -22.50 19.28
N ARG F 79 -7.28 -21.35 19.68
CA ARG F 79 -7.08 -20.82 21.02
C ARG F 79 -8.42 -20.37 21.58
N LYS F 80 -8.40 -19.86 22.81
CA LYS F 80 -9.60 -19.34 23.45
C LYS F 80 -9.53 -17.87 23.79
N THR F 81 -8.35 -17.27 23.86
CA THR F 81 -8.18 -15.86 24.17
C THR F 81 -7.51 -15.16 23.00
N VAL F 82 -8.10 -14.05 22.55
CA VAL F 82 -7.51 -13.29 21.45
C VAL F 82 -6.25 -12.60 21.95
N THR F 83 -5.26 -12.50 21.07
CA THR F 83 -3.97 -11.94 21.43
C THR F 83 -3.91 -10.52 20.86
N ALA F 84 -2.83 -9.79 21.10
CA ALA F 84 -2.65 -8.50 20.44
C ALA F 84 -2.13 -8.64 19.02
N MET F 85 -1.57 -9.80 18.68
CA MET F 85 -0.93 -9.95 17.37
C MET F 85 -1.96 -10.08 16.25
N ASP F 86 -3.02 -10.86 16.48
CA ASP F 86 -4.01 -11.06 15.44
C ASP F 86 -4.83 -9.80 15.20
N VAL F 87 -4.94 -8.92 16.19
CA VAL F 87 -5.55 -7.61 15.95
C VAL F 87 -4.70 -6.82 14.96
N VAL F 88 -3.38 -6.86 15.14
CA VAL F 88 -2.47 -6.18 14.21
C VAL F 88 -2.59 -6.80 12.82
N TYR F 89 -2.69 -8.13 12.75
CA TYR F 89 -2.83 -8.79 11.46
C TYR F 89 -4.12 -8.38 10.76
N ALA F 90 -5.24 -8.37 11.49
CA ALA F 90 -6.50 -7.98 10.90
C ALA F 90 -6.47 -6.54 10.42
N LEU F 91 -5.86 -5.64 11.20
CA LEU F 91 -5.73 -4.26 10.76
C LEU F 91 -4.87 -4.16 9.51
N LYS F 92 -3.78 -4.92 9.46
CA LYS F 92 -2.89 -4.88 8.29
C LYS F 92 -3.57 -5.42 7.05
N ARG F 93 -4.50 -6.36 7.22
CA ARG F 93 -5.19 -6.91 6.06
C ARG F 93 -5.99 -5.85 5.33
N GLN F 94 -6.61 -4.93 6.06
CA GLN F 94 -7.45 -3.88 5.47
C GLN F 94 -6.64 -2.67 5.02
N GLY F 95 -5.31 -2.80 4.93
CA GLY F 95 -4.50 -1.65 4.55
C GLY F 95 -4.53 -0.52 5.55
N ARG F 96 -4.45 -0.84 6.83
CA ARG F 96 -4.49 0.13 7.92
C ARG F 96 -3.43 -0.20 8.96
N THR F 97 -2.19 -0.39 8.48
CA THR F 97 -1.10 -0.87 9.33
C THR F 97 -0.94 -0.02 10.58
N LEU F 98 -0.54 -0.68 11.67
CA LEU F 98 -0.35 -0.03 12.96
C LEU F 98 1.05 -0.36 13.48
N TYR F 99 1.70 0.64 14.06
CA TYR F 99 3.06 0.51 14.56
C TYR F 99 3.08 0.64 16.08
N GLY F 100 3.97 -0.11 16.70
CA GLY F 100 4.23 0.04 18.12
C GLY F 100 3.52 -0.93 19.05
N PHE F 101 2.91 -2.00 18.52
CA PHE F 101 2.24 -2.99 19.35
C PHE F 101 2.75 -4.38 19.05
N GLY F 102 4.08 -4.52 18.98
CA GLY F 102 4.68 -5.82 18.79
C GLY F 102 4.59 -6.35 17.38
N GLY F 103 4.33 -5.50 16.40
CA GLY F 103 4.23 -5.95 15.01
C GLY F 103 5.54 -6.51 14.48
N THR G 11 0.74 -56.72 -14.13
CA THR G 11 0.03 -55.80 -15.02
C THR G 11 -0.26 -54.49 -14.30
N ARG G 12 -1.00 -53.61 -14.98
CA ARG G 12 -1.37 -52.32 -14.43
C ARG G 12 -2.84 -52.03 -14.72
N ALA G 13 -3.45 -51.22 -13.87
CA ALA G 13 -4.83 -50.81 -14.03
C ALA G 13 -4.91 -49.51 -14.83
N LYS G 14 -6.07 -49.27 -15.43
CA LYS G 14 -6.26 -48.09 -16.25
C LYS G 14 -6.28 -46.83 -15.39
N ALA G 15 -5.84 -45.72 -15.99
CA ALA G 15 -5.72 -44.46 -15.27
C ALA G 15 -7.04 -43.72 -15.24
N LYS G 16 -7.36 -43.14 -14.07
CA LYS G 16 -8.54 -42.31 -13.90
C LYS G 16 -8.09 -40.98 -13.32
N THR G 17 -8.50 -39.88 -13.95
CA THR G 17 -8.07 -38.56 -13.51
C THR G 17 -8.65 -38.24 -12.13
N ARG G 18 -7.87 -37.49 -11.35
CA ARG G 18 -8.31 -37.13 -10.00
C ARG G 18 -9.56 -36.25 -10.03
N SER G 19 -9.69 -35.40 -11.05
CA SER G 19 -10.89 -34.58 -11.18
C SER G 19 -12.12 -35.46 -11.33
N SER G 20 -12.01 -36.55 -12.09
CA SER G 20 -13.12 -37.47 -12.23
C SER G 20 -13.49 -38.10 -10.90
N ARG G 21 -12.50 -38.46 -10.09
CA ARG G 21 -12.76 -39.01 -8.77
C ARG G 21 -13.48 -37.99 -7.89
N ALA G 22 -13.04 -36.73 -7.93
CA ALA G 22 -13.67 -35.69 -7.14
C ALA G 22 -14.97 -35.16 -7.75
N GLY G 23 -15.29 -35.56 -8.98
CA GLY G 23 -16.50 -35.10 -9.63
C GLY G 23 -16.50 -33.61 -9.94
N LEU G 24 -15.39 -33.11 -10.48
CA LEU G 24 -15.24 -31.70 -10.82
C LEU G 24 -14.97 -31.57 -12.31
N GLN G 25 -14.91 -30.31 -12.77
CA GLN G 25 -14.58 -30.00 -14.15
C GLN G 25 -13.30 -29.20 -14.30
N PHE G 26 -12.57 -28.96 -13.21
CA PHE G 26 -11.32 -28.23 -13.24
C PHE G 26 -10.15 -29.16 -12.93
N PRO G 27 -8.96 -28.90 -13.49
CA PRO G 27 -7.86 -29.85 -13.38
C PRO G 27 -7.23 -29.82 -11.99
N VAL G 28 -7.35 -30.91 -11.25
CA VAL G 28 -6.74 -30.99 -9.94
C VAL G 28 -5.22 -31.08 -10.05
N GLY G 29 -4.73 -31.87 -11.00
CA GLY G 29 -3.28 -32.05 -11.13
C GLY G 29 -2.57 -30.76 -11.51
N ARG G 30 -3.16 -29.99 -12.42
CA ARG G 30 -2.55 -28.71 -12.80
C ARG G 30 -2.49 -27.77 -11.61
N VAL G 31 -3.54 -27.73 -10.80
CA VAL G 31 -3.54 -26.88 -9.62
C VAL G 31 -2.47 -27.34 -8.63
N HIS G 32 -2.32 -28.65 -8.47
CA HIS G 32 -1.29 -29.17 -7.59
C HIS G 32 0.10 -28.77 -8.06
N ARG G 33 0.35 -28.88 -9.36
CA ARG G 33 1.65 -28.50 -9.90
C ARG G 33 1.92 -27.01 -9.72
N LEU G 34 0.90 -26.19 -9.96
CA LEU G 34 1.06 -24.75 -9.80
C LEU G 34 1.34 -24.39 -8.34
N LEU G 35 0.67 -25.08 -7.41
CA LEU G 35 0.93 -24.85 -6.00
C LEU G 35 2.35 -25.25 -5.63
N ARG G 36 2.82 -26.39 -6.15
CA ARG G 36 4.17 -26.84 -5.82
C ARG G 36 5.23 -25.89 -6.37
N LYS G 37 5.05 -25.43 -7.60
CA LYS G 37 6.06 -24.60 -8.25
C LYS G 37 5.88 -23.12 -7.98
N GLY G 38 4.86 -22.73 -7.23
CA GLY G 38 4.59 -21.32 -7.01
C GLY G 38 5.32 -20.67 -5.86
N ASN G 39 6.15 -21.42 -5.13
CA ASN G 39 6.90 -20.89 -3.98
C ASN G 39 5.96 -20.31 -2.93
N TYR G 40 5.12 -21.19 -2.39
CA TYR G 40 4.19 -20.82 -1.32
C TYR G 40 4.50 -21.46 0.02
N ALA G 41 4.95 -22.71 0.02
CA ALA G 41 5.32 -23.40 1.25
C ALA G 41 6.26 -24.55 0.89
N GLU G 42 6.94 -25.07 1.91
CA GLU G 42 7.88 -26.15 1.67
C GLU G 42 7.18 -27.42 1.17
N ARG G 43 6.06 -27.77 1.79
CA ARG G 43 5.32 -28.99 1.44
C ARG G 43 3.86 -28.64 1.24
N VAL G 44 3.20 -29.39 0.36
CA VAL G 44 1.80 -29.16 0.01
C VAL G 44 1.02 -30.44 0.29
N GLY G 45 -0.08 -30.32 1.01
CA GLY G 45 -0.88 -31.47 1.34
C GLY G 45 -1.63 -32.02 0.13
N ALA G 46 -2.38 -33.08 0.37
CA ALA G 46 -3.12 -33.75 -0.68
C ALA G 46 -4.58 -33.30 -0.77
N GLY G 47 -4.99 -32.33 0.03
CA GLY G 47 -6.38 -31.91 0.03
C GLY G 47 -6.61 -30.50 -0.46
N ALA G 48 -5.56 -29.68 -0.47
CA ALA G 48 -5.70 -28.30 -0.94
C ALA G 48 -6.14 -28.18 -2.40
N PRO G 49 -5.57 -28.92 -3.36
CA PRO G 49 -5.99 -28.73 -4.75
C PRO G 49 -7.47 -28.96 -4.97
N VAL G 50 -8.06 -29.95 -4.31
CA VAL G 50 -9.48 -30.23 -4.50
C VAL G 50 -10.33 -29.04 -4.04
N TYR G 51 -10.02 -28.52 -2.86
CA TYR G 51 -10.73 -27.36 -2.34
C TYR G 51 -10.61 -26.18 -3.27
N LEU G 52 -9.39 -25.89 -3.73
CA LEU G 52 -9.18 -24.74 -4.60
C LEU G 52 -9.94 -24.88 -5.90
N ALA G 53 -9.89 -26.07 -6.51
CA ALA G 53 -10.60 -26.29 -7.77
C ALA G 53 -12.10 -26.13 -7.59
N ALA G 54 -12.64 -26.66 -6.49
CA ALA G 54 -14.08 -26.54 -6.25
C ALA G 54 -14.50 -25.08 -6.11
N VAL G 55 -13.71 -24.30 -5.35
CA VAL G 55 -14.07 -22.89 -5.16
C VAL G 55 -14.02 -22.14 -6.48
N LEU G 56 -12.96 -22.37 -7.27
CA LEU G 56 -12.84 -21.68 -8.55
C LEU G 56 -13.99 -22.05 -9.48
N GLU G 57 -14.36 -23.33 -9.51
CA GLU G 57 -15.48 -23.74 -10.35
C GLU G 57 -16.77 -23.07 -9.93
N TYR G 58 -17.02 -22.98 -8.62
CA TYR G 58 -18.25 -22.34 -8.15
C TYR G 58 -18.30 -20.88 -8.59
N LEU G 59 -17.21 -20.14 -8.39
CA LEU G 59 -17.22 -18.73 -8.76
C LEU G 59 -17.41 -18.55 -10.25
N THR G 60 -16.73 -19.35 -11.06
CA THR G 60 -16.88 -19.24 -12.51
C THR G 60 -18.31 -19.53 -12.93
N ALA G 61 -18.93 -20.56 -12.36
CA ALA G 61 -20.30 -20.89 -12.73
C ALA G 61 -21.25 -19.75 -12.38
N GLU G 62 -21.09 -19.15 -11.20
CA GLU G 62 -21.97 -18.05 -10.82
C GLU G 62 -21.87 -16.88 -11.80
N ILE G 63 -20.63 -16.45 -12.09
CA ILE G 63 -20.47 -15.29 -12.97
C ILE G 63 -20.99 -15.61 -14.37
N LEU G 64 -20.71 -16.81 -14.87
CA LEU G 64 -21.15 -17.17 -16.21
C LEU G 64 -22.67 -17.21 -16.31
N GLU G 65 -23.34 -17.75 -15.28
CA GLU G 65 -24.80 -17.77 -15.30
C GLU G 65 -25.37 -16.36 -15.36
N LEU G 66 -24.83 -15.46 -14.52
CA LEU G 66 -25.35 -14.09 -14.52
C LEU G 66 -25.12 -13.42 -15.87
N ALA G 67 -23.92 -13.60 -16.45
CA ALA G 67 -23.63 -12.98 -17.74
C ALA G 67 -24.52 -13.54 -18.85
N GLY G 68 -24.76 -14.85 -18.85
CA GLY G 68 -25.64 -15.42 -19.85
C GLY G 68 -27.06 -14.89 -19.75
N ASN G 69 -27.56 -14.74 -18.51
CA ASN G 69 -28.87 -14.15 -18.33
C ASN G 69 -28.91 -12.73 -18.90
N ALA G 70 -27.89 -11.94 -18.58
CA ALA G 70 -27.86 -10.56 -19.06
C ALA G 70 -27.83 -10.50 -20.58
N ALA G 71 -27.05 -11.38 -21.21
CA ALA G 71 -26.99 -11.41 -22.67
C ALA G 71 -28.34 -11.82 -23.26
N ARG G 72 -28.98 -12.84 -22.69
CA ARG G 72 -30.26 -13.28 -23.23
C ARG G 72 -31.35 -12.23 -23.07
N ASP G 73 -31.21 -11.35 -22.08
CA ASP G 73 -32.14 -10.23 -21.96
C ASP G 73 -32.04 -9.29 -23.16
N ASN G 74 -30.89 -9.29 -23.84
CA ASN G 74 -30.66 -8.44 -25.00
C ASN G 74 -30.77 -9.20 -26.33
N LYS G 75 -31.52 -10.29 -26.35
CA LYS G 75 -31.76 -11.15 -27.53
C LYS G 75 -30.49 -11.33 -28.36
N LYS G 76 -29.48 -11.92 -27.73
CA LYS G 76 -28.24 -12.28 -28.40
C LYS G 76 -27.83 -13.68 -27.96
N THR G 77 -27.07 -14.35 -28.82
CA THR G 77 -26.67 -15.73 -28.57
C THR G 77 -25.24 -15.88 -28.06
N ARG G 78 -24.42 -14.84 -28.17
CA ARG G 78 -23.05 -14.88 -27.71
C ARG G 78 -22.85 -13.89 -26.57
N ILE G 79 -21.72 -14.02 -25.88
CA ILE G 79 -21.40 -13.21 -24.70
C ILE G 79 -20.26 -12.27 -25.04
N ILE G 80 -20.47 -10.99 -24.80
CA ILE G 80 -19.47 -9.95 -25.07
C ILE G 80 -19.14 -9.28 -23.74
N PRO G 81 -18.02 -8.55 -23.66
CA PRO G 81 -17.63 -7.98 -22.37
C PRO G 81 -18.66 -7.08 -21.72
N ARG G 82 -19.54 -6.44 -22.50
CA ARG G 82 -20.57 -5.60 -21.89
C ARG G 82 -21.49 -6.42 -21.00
N HIS G 83 -21.83 -7.64 -21.41
CA HIS G 83 -22.67 -8.50 -20.60
C HIS G 83 -22.00 -8.85 -19.27
N LEU G 84 -20.70 -9.14 -19.32
CA LEU G 84 -19.97 -9.43 -18.08
C LEU G 84 -19.95 -8.22 -17.17
N GLN G 85 -19.74 -7.02 -17.73
CA GLN G 85 -19.75 -5.82 -16.90
C GLN G 85 -21.11 -5.58 -16.27
N LEU G 86 -22.18 -5.76 -17.05
CA LEU G 86 -23.52 -5.58 -16.52
C LEU G 86 -23.82 -6.59 -15.41
N ALA G 87 -23.41 -7.84 -15.60
CA ALA G 87 -23.64 -8.84 -14.57
C ALA G 87 -22.86 -8.53 -13.30
N VAL G 88 -21.61 -8.09 -13.43
CA VAL G 88 -20.79 -7.84 -12.25
C VAL G 88 -21.30 -6.63 -11.48
N ARG G 89 -21.59 -5.53 -12.18
CA ARG G 89 -21.90 -4.29 -11.48
C ARG G 89 -23.31 -4.28 -10.89
N ASN G 90 -24.20 -5.16 -11.35
CA ASN G 90 -25.58 -5.14 -10.88
C ASN G 90 -25.81 -6.07 -9.70
N ASP G 91 -24.78 -6.76 -9.22
CA ASP G 91 -24.89 -7.64 -8.06
C ASP G 91 -24.00 -7.10 -6.94
N GLU G 92 -24.50 -7.20 -5.71
CA GLU G 92 -23.84 -6.54 -4.58
C GLU G 92 -22.49 -7.19 -4.27
N GLU G 93 -22.51 -8.49 -3.92
CA GLU G 93 -21.29 -9.14 -3.46
C GLU G 93 -20.25 -9.22 -4.56
N LEU G 94 -20.67 -9.50 -5.79
CA LEU G 94 -19.71 -9.56 -6.89
C LEU G 94 -19.07 -8.20 -7.13
N ASN G 95 -19.87 -7.12 -7.05
CA ASN G 95 -19.30 -5.78 -7.17
C ASN G 95 -18.32 -5.50 -6.06
N LYS G 96 -18.64 -5.93 -4.83
CA LYS G 96 -17.72 -5.71 -3.72
C LYS G 96 -16.40 -6.46 -3.93
N LEU G 97 -16.48 -7.67 -4.48
CA LEU G 97 -15.26 -8.46 -4.68
C LEU G 97 -14.35 -7.85 -5.73
N LEU G 98 -14.90 -7.19 -6.73
CA LEU G 98 -14.14 -6.63 -7.84
C LEU G 98 -14.22 -5.11 -7.84
N GLY G 99 -14.10 -4.50 -6.66
CA GLY G 99 -14.26 -3.06 -6.54
C GLY G 99 -13.10 -2.25 -7.10
N ARG G 100 -11.96 -2.88 -7.33
CA ARG G 100 -10.77 -2.18 -7.85
C ARG G 100 -10.28 -2.81 -9.15
N VAL G 101 -11.20 -3.26 -9.99
CA VAL G 101 -10.88 -3.91 -11.25
C VAL G 101 -11.64 -3.21 -12.37
N THR G 102 -10.94 -2.89 -13.45
CA THR G 102 -11.54 -2.30 -14.63
C THR G 102 -11.56 -3.32 -15.75
N ILE G 103 -12.70 -3.46 -16.42
CA ILE G 103 -12.88 -4.41 -17.50
C ILE G 103 -12.81 -3.67 -18.82
N ALA G 104 -11.99 -4.17 -19.73
CA ALA G 104 -11.84 -3.53 -21.03
C ALA G 104 -13.15 -3.61 -21.82
N GLN G 105 -13.46 -2.52 -22.53
CA GLN G 105 -14.67 -2.44 -23.36
C GLN G 105 -15.95 -2.62 -22.55
N GLY G 106 -15.90 -2.28 -21.26
CA GLY G 106 -17.05 -2.47 -20.40
C GLY G 106 -18.12 -1.41 -20.52
N GLY G 107 -17.79 -0.18 -20.17
CA GLY G 107 -18.76 0.89 -20.13
C GLY G 107 -19.17 1.26 -18.72
N VAL G 108 -20.36 1.83 -18.55
CA VAL G 108 -20.86 2.26 -17.25
C VAL G 108 -22.32 1.89 -17.14
N LEU G 109 -22.92 2.18 -15.99
CA LEU G 109 -24.32 1.92 -15.73
C LEU G 109 -25.17 3.15 -16.02
N PRO G 110 -26.31 2.98 -16.67
CA PRO G 110 -27.13 4.13 -17.08
C PRO G 110 -27.91 4.76 -15.93
N ASN G 111 -27.29 5.67 -15.18
CA ASN G 111 -27.98 6.41 -14.14
C ASN G 111 -27.75 7.90 -14.31
N ILE G 112 -28.73 8.70 -13.90
CA ILE G 112 -28.68 10.15 -13.98
C ILE G 112 -29.18 10.72 -12.66
N GLN G 113 -28.48 11.72 -12.12
CA GLN G 113 -28.92 12.36 -10.90
C GLN G 113 -30.26 13.04 -11.10
N SER G 114 -31.09 13.01 -10.06
CA SER G 114 -32.47 13.47 -10.18
C SER G 114 -32.59 14.98 -10.29
N VAL G 115 -31.60 15.74 -9.81
CA VAL G 115 -31.68 17.19 -9.86
C VAL G 115 -31.59 17.68 -11.31
N LEU G 116 -30.74 17.07 -12.11
CA LEU G 116 -30.53 17.50 -13.48
C LEU G 116 -31.73 17.26 -14.37
N LEU G 117 -32.70 16.47 -13.93
CA LEU G 117 -33.86 16.18 -14.76
C LEU G 117 -34.71 17.44 -14.94
N PRO G 118 -35.40 17.57 -16.07
CA PRO G 118 -36.24 18.75 -16.28
C PRO G 118 -37.42 18.79 -15.33
N LYS G 119 -37.91 20.00 -15.09
CA LYS G 119 -39.05 20.20 -14.20
C LYS G 119 -40.29 19.47 -14.75
N ARG H 27 8.88 -25.96 -36.80
CA ARG H 27 8.78 -24.50 -36.82
C ARG H 27 7.51 -24.03 -36.11
N ARG H 28 6.87 -24.96 -35.39
CA ARG H 28 5.67 -24.62 -34.64
C ARG H 28 6.02 -23.84 -33.38
N LYS H 29 5.04 -23.09 -32.88
CA LYS H 29 5.25 -22.29 -31.68
C LYS H 29 5.31 -23.19 -30.44
N THR H 30 5.53 -22.56 -29.29
CA THR H 30 5.56 -23.27 -28.02
C THR H 30 4.15 -23.37 -27.43
N ARG H 31 4.01 -24.22 -26.42
CA ARG H 31 2.72 -24.50 -25.83
C ARG H 31 2.35 -23.43 -24.80
N LYS H 32 1.15 -22.88 -24.94
CA LYS H 32 0.61 -21.90 -24.00
C LYS H 32 -0.55 -22.53 -23.25
N GLU H 33 -0.41 -22.67 -21.93
CA GLU H 33 -1.49 -23.20 -21.12
C GLU H 33 -2.55 -22.12 -20.89
N SER H 34 -3.79 -22.58 -20.70
CA SER H 34 -4.90 -21.66 -20.50
C SER H 34 -6.02 -22.40 -19.79
N TYR H 35 -7.12 -21.69 -19.55
CA TYR H 35 -8.30 -22.24 -18.88
C TYR H 35 -9.52 -22.26 -19.78
N ALA H 36 -9.33 -22.15 -21.09
CA ALA H 36 -10.47 -21.98 -22.00
C ALA H 36 -11.38 -23.20 -22.01
N ILE H 37 -10.80 -24.41 -22.02
CA ILE H 37 -11.60 -25.61 -22.18
C ILE H 37 -12.53 -25.80 -20.98
N TYR H 38 -12.02 -25.52 -19.78
CA TYR H 38 -12.84 -25.72 -18.59
C TYR H 38 -13.93 -24.66 -18.47
N VAL H 39 -13.61 -23.42 -18.83
CA VAL H 39 -14.62 -22.37 -18.82
C VAL H 39 -15.72 -22.70 -19.81
N TYR H 40 -15.34 -23.19 -21.01
CA TYR H 40 -16.35 -23.58 -21.98
C TYR H 40 -17.20 -24.73 -21.47
N LYS H 41 -16.59 -25.72 -20.80
CA LYS H 41 -17.37 -26.82 -20.26
C LYS H 41 -18.38 -26.34 -19.22
N VAL H 42 -17.95 -25.45 -18.32
CA VAL H 42 -18.86 -24.92 -17.31
C VAL H 42 -20.00 -24.14 -17.97
N LEU H 43 -19.66 -23.31 -18.96
CA LEU H 43 -20.69 -22.53 -19.64
C LEU H 43 -21.71 -23.42 -20.31
N LYS H 44 -21.24 -24.47 -21.00
CA LYS H 44 -22.17 -25.39 -21.64
C LYS H 44 -22.98 -26.16 -20.62
N GLN H 45 -22.43 -26.38 -19.42
CA GLN H 45 -23.22 -27.00 -18.36
C GLN H 45 -24.34 -26.09 -17.88
N VAL H 46 -24.06 -24.79 -17.75
CA VAL H 46 -25.05 -23.88 -17.20
C VAL H 46 -26.09 -23.48 -18.25
N HIS H 47 -25.64 -22.83 -19.32
CA HIS H 47 -26.52 -22.45 -20.42
C HIS H 47 -26.18 -23.29 -21.64
N PRO H 48 -27.00 -24.27 -22.00
CA PRO H 48 -26.61 -25.21 -23.07
C PRO H 48 -26.60 -24.61 -24.47
N ASP H 49 -27.23 -23.46 -24.68
CA ASP H 49 -27.41 -22.89 -26.01
C ASP H 49 -26.88 -21.46 -26.07
N THR H 50 -25.66 -21.25 -25.59
CA THR H 50 -25.07 -19.91 -25.59
C THR H 50 -23.57 -20.02 -25.83
N GLY H 51 -23.07 -19.22 -26.78
CA GLY H 51 -21.66 -19.17 -27.08
C GLY H 51 -20.95 -18.04 -26.35
N ILE H 52 -19.66 -17.89 -26.66
CA ILE H 52 -18.83 -16.89 -26.00
C ILE H 52 -17.73 -16.47 -26.98
N SER H 53 -17.40 -15.18 -26.95
CA SER H 53 -16.39 -14.62 -27.84
C SER H 53 -15.01 -14.71 -27.20
N SER H 54 -14.00 -14.23 -27.93
CA SER H 54 -12.62 -14.39 -27.50
C SER H 54 -12.29 -13.47 -26.32
N LYS H 55 -12.71 -12.21 -26.40
CA LYS H 55 -12.36 -11.24 -25.37
C LYS H 55 -12.95 -11.62 -24.02
N ALA H 56 -14.19 -12.12 -24.02
CA ALA H 56 -14.78 -12.61 -22.78
C ALA H 56 -13.98 -13.76 -22.19
N MET H 57 -13.47 -14.64 -23.06
CA MET H 57 -12.64 -15.74 -22.58
C MET H 57 -11.37 -15.22 -21.94
N SER H 58 -10.73 -14.22 -22.55
CA SER H 58 -9.53 -13.64 -21.96
C SER H 58 -9.84 -13.01 -20.60
N ILE H 59 -10.97 -12.30 -20.50
CA ILE H 59 -11.35 -11.68 -19.23
C ILE H 59 -11.54 -12.74 -18.17
N MET H 60 -12.24 -13.83 -18.50
CA MET H 60 -12.47 -14.90 -17.53
C MET H 60 -11.17 -15.56 -17.11
N ASN H 61 -10.24 -15.75 -18.06
CA ASN H 61 -8.94 -16.30 -17.72
C ASN H 61 -8.20 -15.42 -16.72
N SER H 62 -8.21 -14.11 -16.96
CA SER H 62 -7.57 -13.19 -16.03
C SER H 62 -8.22 -13.26 -14.65
N PHE H 63 -9.55 -13.33 -14.62
CA PHE H 63 -10.27 -13.42 -13.35
C PHE H 63 -9.85 -14.66 -12.56
N VAL H 64 -9.79 -15.80 -13.25
CA VAL H 64 -9.41 -17.05 -12.58
C VAL H 64 -8.00 -16.95 -12.02
N ASN H 65 -7.06 -16.45 -12.83
CA ASN H 65 -5.68 -16.33 -12.36
C ASN H 65 -5.58 -15.42 -11.15
N ASP H 66 -6.27 -14.28 -11.22
CA ASP H 66 -6.22 -13.29 -10.09
C ASP H 66 -6.71 -13.97 -8.82
N VAL H 67 -7.89 -14.60 -8.86
CA VAL H 67 -8.45 -15.19 -7.65
C VAL H 67 -7.53 -16.28 -7.10
N PHE H 68 -6.98 -17.12 -7.98
CA PHE H 68 -6.06 -18.15 -7.53
C PHE H 68 -4.88 -17.54 -6.80
N GLU H 69 -4.30 -16.47 -7.36
CA GLU H 69 -3.15 -15.84 -6.72
C GLU H 69 -3.50 -15.30 -5.35
N ARG H 70 -4.64 -14.62 -5.22
CA ARG H 70 -5.02 -14.07 -3.93
C ARG H 70 -5.16 -15.16 -2.88
N ILE H 71 -5.91 -16.21 -3.20
CA ILE H 71 -6.16 -17.27 -2.21
C ILE H 71 -4.86 -17.96 -1.82
N ALA H 72 -4.01 -18.26 -2.80
CA ALA H 72 -2.76 -18.95 -2.49
C ALA H 72 -1.85 -18.09 -1.60
N GLY H 73 -1.76 -16.79 -1.91
CA GLY H 73 -0.92 -15.93 -1.08
C GLY H 73 -1.41 -15.84 0.35
N GLU H 74 -2.73 -15.69 0.53
CA GLU H 74 -3.28 -15.63 1.87
C GLU H 74 -3.02 -16.93 2.63
N ALA H 75 -3.18 -18.07 1.96
CA ALA H 75 -2.92 -19.35 2.62
C ALA H 75 -1.46 -19.47 3.04
N SER H 76 -0.53 -19.03 2.17
CA SER H 76 0.89 -19.11 2.51
C SER H 76 1.21 -18.26 3.73
N ARG H 77 0.69 -17.02 3.75
CA ARG H 77 0.95 -16.15 4.90
C ARG H 77 0.37 -16.75 6.18
N LEU H 78 -0.84 -17.30 6.09
CA LEU H 78 -1.46 -17.91 7.26
C LEU H 78 -0.63 -19.07 7.79
N ALA H 79 -0.12 -19.91 6.89
CA ALA H 79 0.71 -21.04 7.32
C ALA H 79 2.00 -20.56 7.96
N HIS H 80 2.61 -19.51 7.40
CA HIS H 80 3.85 -18.99 7.97
C HIS H 80 3.61 -18.39 9.35
N TYR H 81 2.40 -17.85 9.58
CA TYR H 81 2.13 -17.15 10.83
C TYR H 81 2.18 -18.09 12.03
N ASN H 82 1.67 -19.31 11.87
CA ASN H 82 1.52 -20.25 12.98
C ASN H 82 2.68 -21.22 13.10
N LYS H 83 3.83 -20.90 12.50
CA LYS H 83 5.04 -21.73 12.59
C LYS H 83 4.79 -23.14 12.08
N ARG H 84 4.28 -23.23 10.85
CA ARG H 84 4.04 -24.49 10.19
C ARG H 84 4.75 -24.49 8.84
N SER H 85 4.99 -25.68 8.30
CA SER H 85 5.74 -25.83 7.06
C SER H 85 4.94 -26.56 5.98
N THR H 86 3.62 -26.52 6.07
CA THR H 86 2.78 -27.15 5.06
C THR H 86 1.44 -26.44 5.01
N ILE H 87 0.77 -26.55 3.87
CA ILE H 87 -0.57 -26.00 3.68
C ILE H 87 -1.53 -27.12 3.37
N THR H 88 -2.60 -27.22 4.15
CA THR H 88 -3.61 -28.26 4.01
C THR H 88 -4.96 -27.62 3.72
N SER H 89 -6.02 -28.43 3.76
CA SER H 89 -7.35 -27.93 3.44
C SER H 89 -7.82 -26.89 4.46
N ARG H 90 -7.35 -26.97 5.71
CA ARG H 90 -7.78 -26.01 6.71
C ARG H 90 -7.32 -24.60 6.36
N GLU H 91 -6.08 -24.47 5.89
CA GLU H 91 -5.58 -23.15 5.50
C GLU H 91 -6.39 -22.57 4.34
N ILE H 92 -6.71 -23.40 3.35
CA ILE H 92 -7.52 -22.93 2.23
C ILE H 92 -8.90 -22.49 2.71
N GLN H 93 -9.50 -23.27 3.61
CA GLN H 93 -10.82 -22.93 4.11
C GLN H 93 -10.81 -21.60 4.85
N THR H 94 -9.81 -21.40 5.71
CA THR H 94 -9.73 -20.14 6.45
C THR H 94 -9.46 -18.97 5.52
N ALA H 95 -8.59 -19.15 4.52
CA ALA H 95 -8.32 -18.07 3.58
C ALA H 95 -9.58 -17.71 2.78
N VAL H 96 -10.35 -18.72 2.38
CA VAL H 96 -11.60 -18.46 1.67
C VAL H 96 -12.56 -17.69 2.57
N ARG H 97 -12.65 -18.08 3.83
CA ARG H 97 -13.52 -17.36 4.76
C ARG H 97 -13.08 -15.92 4.94
N LEU H 98 -11.76 -15.68 4.90
CA LEU H 98 -11.26 -14.32 5.10
C LEU H 98 -11.49 -13.45 3.87
N LEU H 99 -11.29 -14.00 2.68
CA LEU H 99 -11.34 -13.18 1.47
C LEU H 99 -12.77 -12.83 1.06
N LEU H 100 -13.59 -13.84 0.81
CA LEU H 100 -14.88 -13.61 0.19
C LEU H 100 -15.90 -13.06 1.19
N PRO H 101 -16.90 -12.30 0.71
CA PRO H 101 -17.98 -11.86 1.59
C PRO H 101 -18.90 -13.00 2.02
N GLY H 102 -19.95 -12.68 2.77
CA GLY H 102 -20.74 -13.68 3.49
C GLY H 102 -21.31 -14.85 2.71
N GLU H 103 -22.29 -14.59 1.84
CA GLU H 103 -22.97 -15.67 1.15
C GLU H 103 -22.03 -16.45 0.25
N LEU H 104 -21.15 -15.73 -0.46
CA LEU H 104 -20.16 -16.41 -1.29
C LEU H 104 -19.26 -17.31 -0.44
N ALA H 105 -18.83 -16.81 0.72
CA ALA H 105 -17.97 -17.61 1.59
C ALA H 105 -18.70 -18.87 2.04
N LYS H 106 -19.95 -18.74 2.46
CA LYS H 106 -20.69 -19.90 2.94
C LYS H 106 -20.86 -20.94 1.84
N HIS H 107 -21.30 -20.52 0.66
CA HIS H 107 -21.53 -21.46 -0.42
C HIS H 107 -20.24 -22.12 -0.87
N ALA H 108 -19.15 -21.34 -0.98
CA ALA H 108 -17.87 -21.89 -1.40
C ALA H 108 -17.35 -22.89 -0.38
N VAL H 109 -17.52 -22.59 0.91
CA VAL H 109 -17.06 -23.51 1.95
C VAL H 109 -17.82 -24.82 1.85
N SER H 110 -19.15 -24.75 1.66
CA SER H 110 -19.94 -25.97 1.53
C SER H 110 -19.47 -26.79 0.32
N GLU H 111 -19.25 -26.11 -0.81
CA GLU H 111 -18.83 -26.81 -2.02
C GLU H 111 -17.47 -27.48 -1.83
N GLY H 112 -16.52 -26.78 -1.23
CA GLY H 112 -15.20 -27.36 -1.02
C GLY H 112 -15.23 -28.55 -0.09
N THR H 113 -15.98 -28.44 1.00
CA THR H 113 -16.08 -29.57 1.93
C THR H 113 -16.72 -30.77 1.26
N LYS H 114 -17.78 -30.55 0.50
CA LYS H 114 -18.44 -31.67 -0.19
C LYS H 114 -17.49 -32.33 -1.19
N ALA H 115 -16.74 -31.52 -1.94
CA ALA H 115 -15.81 -32.08 -2.91
C ALA H 115 -14.72 -32.90 -2.23
N VAL H 116 -14.17 -32.39 -1.12
CA VAL H 116 -13.12 -33.12 -0.43
C VAL H 116 -13.65 -34.44 0.13
N THR H 117 -14.84 -34.42 0.72
CA THR H 117 -15.41 -35.65 1.25
C THR H 117 -15.65 -36.67 0.14
N CYS H 118 -16.20 -36.21 -0.99
CA CYS H 118 -16.47 -37.14 -2.09
C CYS H 118 -15.19 -37.72 -2.65
N TYR H 119 -14.13 -36.91 -2.75
CA TYR H 119 -12.84 -37.42 -3.22
C TYR H 119 -12.27 -38.44 -2.24
N THR H 120 -12.34 -38.16 -0.95
CA THR H 120 -11.77 -39.08 0.03
C THR H 120 -12.51 -40.41 0.04
N SER H 121 -13.84 -40.37 -0.10
CA SER H 121 -14.63 -41.59 -0.02
C SER H 121 -14.23 -42.59 -1.11
N ALA H 122 -14.02 -42.11 -2.33
CA ALA H 122 -13.66 -42.99 -3.44
C ALA H 122 -12.26 -43.56 -3.25
N MET K 5 51.14 15.32 25.43
CA MET K 5 50.45 14.11 25.85
C MET K 5 50.65 12.98 24.85
N GLN K 6 50.15 11.80 25.17
CA GLN K 6 50.23 10.63 24.30
C GLN K 6 48.83 10.17 23.94
N ILE K 7 48.57 9.99 22.65
CA ILE K 7 47.26 9.58 22.17
C ILE K 7 47.41 8.34 21.29
N PHE K 8 46.33 7.58 21.19
CA PHE K 8 46.29 6.35 20.40
C PHE K 8 45.42 6.55 19.17
N VAL K 9 45.95 6.18 18.01
CA VAL K 9 45.23 6.24 16.75
C VAL K 9 45.18 4.84 16.17
N LYS K 10 43.98 4.28 16.06
CA LYS K 10 43.77 2.92 15.59
C LYS K 10 43.38 2.94 14.11
N THR K 11 44.17 2.26 13.29
CA THR K 11 43.93 2.20 11.86
C THR K 11 42.84 1.18 11.53
N LEU K 12 42.57 1.03 10.24
CA LEU K 12 41.54 0.12 9.77
C LEU K 12 41.94 -1.35 9.88
N THR K 13 43.24 -1.64 9.88
CA THR K 13 43.72 -3.01 9.93
C THR K 13 43.85 -3.54 11.36
N GLY K 14 43.49 -2.74 12.36
CA GLY K 14 43.61 -3.15 13.74
C GLY K 14 44.90 -2.76 14.42
N LYS K 15 45.64 -1.79 13.87
CA LYS K 15 46.91 -1.36 14.43
C LYS K 15 46.74 -0.01 15.10
N THR K 16 47.26 0.11 16.32
CA THR K 16 47.20 1.35 17.09
C THR K 16 48.59 1.95 17.18
N ILE K 17 48.72 3.20 16.76
CA ILE K 17 49.97 3.95 16.82
C ILE K 17 49.87 5.00 17.91
N THR K 18 51.01 5.37 18.46
CA THR K 18 51.10 6.33 19.56
C THR K 18 51.63 7.65 19.02
N LEU K 19 50.93 8.73 19.35
CA LEU K 19 51.34 10.07 18.93
C LEU K 19 51.62 10.92 20.16
N GLU K 20 52.82 11.51 20.20
CA GLU K 20 53.22 12.41 21.28
C GLU K 20 52.77 13.81 20.88
N VAL K 21 51.52 14.14 21.22
CA VAL K 21 50.90 15.38 20.78
C VAL K 21 50.51 16.21 21.99
N GLU K 22 49.92 17.37 21.74
CA GLU K 22 49.48 18.28 22.80
C GLU K 22 48.04 18.68 22.56
N PRO K 23 47.29 19.02 23.61
CA PRO K 23 45.90 19.46 23.40
C PRO K 23 45.79 20.64 22.45
N SER K 24 46.74 21.57 22.51
CA SER K 24 46.73 22.71 21.61
C SER K 24 47.11 22.34 20.18
N ASP K 25 47.68 21.15 19.96
CA ASP K 25 48.05 20.75 18.62
C ASP K 25 46.81 20.59 17.74
N THR K 26 46.86 21.14 16.54
CA THR K 26 45.76 21.02 15.61
C THR K 26 45.68 19.60 15.04
N ILE K 27 44.53 19.28 14.47
CA ILE K 27 44.35 17.97 13.84
C ILE K 27 45.31 17.81 12.66
N GLU K 28 45.68 18.91 12.01
CA GLU K 28 46.65 18.84 10.93
C GLU K 28 48.02 18.40 11.44
N ASN K 29 48.39 18.83 12.66
CA ASN K 29 49.63 18.33 13.25
C ASN K 29 49.55 16.84 13.52
N VAL K 30 48.39 16.36 13.97
CA VAL K 30 48.19 14.92 14.15
C VAL K 30 48.36 14.19 12.82
N LYS K 31 47.78 14.73 11.75
CA LYS K 31 47.91 14.12 10.44
C LYS K 31 49.37 14.10 9.98
N ALA K 32 50.09 15.20 10.20
CA ALA K 32 51.49 15.27 9.81
C ALA K 32 52.33 14.26 10.57
N LYS K 33 52.10 14.12 11.88
CA LYS K 33 52.84 13.15 12.66
C LYS K 33 52.50 11.72 12.24
N ILE K 34 51.22 11.46 11.94
CA ILE K 34 50.82 10.14 11.47
C ILE K 34 51.51 9.82 10.14
N GLN K 35 51.58 10.79 9.24
CA GLN K 35 52.28 10.58 7.98
C GLN K 35 53.77 10.34 8.21
N ASP K 36 54.36 11.09 9.14
CA ASP K 36 55.79 10.93 9.41
C ASP K 36 56.11 9.55 9.96
N LYS K 37 55.28 9.05 10.87
CA LYS K 37 55.58 7.78 11.54
C LYS K 37 55.00 6.57 10.84
N GLU K 38 54.09 6.75 9.88
CA GLU K 38 53.48 5.62 9.18
C GLU K 38 53.44 5.76 7.67
N GLY K 39 53.49 6.98 7.12
CA GLY K 39 53.43 7.18 5.69
C GLY K 39 52.05 7.45 5.13
N ILE K 40 51.03 7.55 5.99
CA ILE K 40 49.66 7.79 5.53
C ILE K 40 49.51 9.27 5.21
N PRO K 41 49.20 9.63 3.97
CA PRO K 41 49.04 11.05 3.61
C PRO K 41 47.91 11.68 4.40
N PRO K 42 48.05 12.96 4.80
CA PRO K 42 47.00 13.59 5.61
C PRO K 42 45.66 13.65 4.92
N ASP K 43 45.62 13.80 3.60
CA ASP K 43 44.36 13.87 2.89
C ASP K 43 43.59 12.55 2.92
N GLN K 44 44.27 11.44 3.17
CA GLN K 44 43.63 10.13 3.25
C GLN K 44 43.31 9.71 4.67
N GLN K 45 43.55 10.59 5.65
CA GLN K 45 43.27 10.29 7.04
C GLN K 45 41.88 10.81 7.39
N ARG K 46 40.99 9.91 7.79
CA ARG K 46 39.66 10.28 8.25
C ARG K 46 39.60 9.88 9.72
N LEU K 47 39.28 10.83 10.59
CA LEU K 47 39.48 10.67 12.02
C LEU K 47 38.18 10.89 12.78
N ILE K 48 37.93 10.05 13.79
CA ILE K 48 36.84 10.29 14.73
C ILE K 48 37.33 10.08 16.16
N PHE K 49 36.94 10.98 17.05
CA PHE K 49 37.09 10.80 18.48
C PHE K 49 35.84 11.37 19.15
N ALA K 50 35.27 10.61 20.09
CA ALA K 50 34.07 11.01 20.82
C ALA K 50 32.91 11.31 19.88
N GLY K 51 32.89 10.65 18.72
CA GLY K 51 31.80 10.82 17.79
C GLY K 51 31.84 12.08 16.96
N LYS K 52 32.98 12.78 16.92
CA LYS K 52 33.09 14.03 16.19
C LYS K 52 34.16 13.90 15.11
N GLN K 53 33.81 14.29 13.88
CA GLN K 53 34.78 14.35 12.81
C GLN K 53 35.84 15.39 13.12
N LEU K 54 37.11 15.02 12.94
CA LEU K 54 38.22 15.89 13.28
C LEU K 54 38.57 16.76 12.07
N GLU K 55 38.69 18.07 12.30
CA GLU K 55 38.98 19.03 11.25
C GLU K 55 40.34 19.65 11.48
N ASP K 56 41.11 19.80 10.40
CA ASP K 56 42.47 20.30 10.51
C ASP K 56 42.52 21.70 11.14
N GLY K 57 41.48 22.51 10.94
CA GLY K 57 41.44 23.82 11.55
C GLY K 57 41.23 23.79 13.05
N ARG K 58 40.70 22.70 13.58
CA ARG K 58 40.48 22.56 15.02
C ARG K 58 41.66 21.86 15.67
N THR K 59 41.79 22.06 16.98
CA THR K 59 42.87 21.47 17.75
C THR K 59 42.39 20.24 18.51
N LEU K 60 43.35 19.53 19.12
CA LEU K 60 43.01 18.36 19.90
C LEU K 60 42.23 18.74 21.16
N SER K 61 42.56 19.89 21.76
CA SER K 61 41.79 20.36 22.91
C SER K 61 40.36 20.73 22.53
N ASP K 62 40.14 21.13 21.28
CA ASP K 62 38.79 21.46 20.84
C ASP K 62 37.87 20.24 20.91
N TYR K 63 38.37 19.08 20.51
CA TYR K 63 37.62 17.84 20.61
C TYR K 63 37.82 17.14 21.95
N ASN K 64 38.44 17.82 22.92
CA ASN K 64 38.74 17.24 24.23
C ASN K 64 39.57 15.97 24.11
N ILE K 65 40.48 15.96 23.14
CA ILE K 65 41.39 14.84 22.94
C ILE K 65 42.53 15.00 23.92
N GLN K 66 42.52 14.19 24.97
CA GLN K 66 43.50 14.24 26.04
C GLN K 66 44.49 13.08 25.90
N LYS K 67 45.36 12.93 26.90
CA LYS K 67 46.32 11.85 26.90
C LYS K 67 45.61 10.50 26.96
N GLU K 68 46.20 9.51 26.27
CA GLU K 68 45.71 8.13 26.25
C GLU K 68 44.33 8.02 25.61
N SER K 69 43.95 8.98 24.77
CA SER K 69 42.67 8.91 24.09
C SER K 69 42.73 7.88 22.95
N THR K 70 41.55 7.38 22.58
CA THR K 70 41.41 6.40 21.50
C THR K 70 40.72 7.06 20.32
N LEU K 71 41.38 7.06 19.17
CA LEU K 71 40.90 7.71 17.96
C LEU K 71 40.82 6.67 16.86
N HIS K 72 39.82 6.79 15.99
CA HIS K 72 39.62 5.83 14.90
C HIS K 72 39.98 6.48 13.57
N LEU K 73 40.74 5.76 12.75
CA LEU K 73 41.26 6.25 11.49
C LEU K 73 40.78 5.38 10.33
N VAL K 74 40.36 6.02 9.25
CA VAL K 74 40.00 5.37 8.00
C VAL K 74 40.86 5.94 6.88
N LEU K 75 41.39 5.05 6.04
CA LEU K 75 42.20 5.40 4.89
C LEU K 75 41.46 5.28 3.56
N ARG K 76 40.16 4.98 3.59
CA ARG K 76 39.37 4.82 2.35
C ARG K 76 39.30 6.14 1.60
#